data_5I6V
#
_entry.id   5I6V
#
_cell.length_a   45.822
_cell.length_b   214.263
_cell.length_c   55.472
_cell.angle_alpha   90.00
_cell.angle_beta   96.08
_cell.angle_gamma   90.00
#
_symmetry.space_group_name_H-M   'P 1 21 1'
#
loop_
_entity.id
_entity.type
_entity.pdbx_description
1 polymer 'Tyrosine-protein phosphatase non-receptor type 11'
2 non-polymer GLYCEROL
3 water water
#
_entity_poly.entity_id   1
_entity_poly.type   'polypeptide(L)'
_entity_poly.pdbx_seq_one_letter_code
;MTSRRWFHPNITGVEAENLLLTRGVDGSFLARPSKSNPGDFTLSVRRNGAVTHIKIQNTGDYYDLYGGEKFATLAELVQY
YMEHHGQLKEKNGDVIELKYPLNCADPTSERWFHGHLSGKEAEKLLTEKGKHGSFLVRESQSHPGDFVLSVRTGDDKGES
NDGKSKVTHVMIRCQELKYDVGGGERFDSLTDLVEHYKKNPMVETLGTVLQLKQPLNTTRINAAEIESRVRELSKLAETT
DKVKQGFWEEFETLQQQECKLLYSRKEGQRQENKNKNRYKNILPSDHTRVVLHDGDPNEPVSDYINANIIMPEFETKCNN
SKPKKSYIATQGCLQNTVNDFWRMVFQENSRVIVMTTKEVERGKSKCVKYWPDEYALKEYGVMRVRNVKESAAHDYTLRE
LKLSKVGQGNTERTVWQYHFRTWPDHGVPSDPGGVLDFLEEVHHKQESIMDAGPVVVHCSAGIGRTGTFIVIDILIDIIR
EKGVDCDIDVPKTIQMVRSQRSGMVQTEAQYRFIYMAVQHYIETL
;
_entity_poly.pdbx_strand_id   A,B
#
loop_
_chem_comp.id
_chem_comp.type
_chem_comp.name
_chem_comp.formula
GOL non-polymer GLYCEROL 'C3 H8 O3'
#
# COMPACT_ATOMS: atom_id res chain seq x y z
N SER A 3 6.84 9.55 -6.66
CA SER A 3 8.14 9.20 -7.16
C SER A 3 9.13 10.34 -7.21
N ARG A 4 8.72 11.54 -6.84
CA ARG A 4 9.53 12.73 -6.98
C ARG A 4 9.80 13.41 -5.64
N ARG A 5 9.76 12.66 -4.57
CA ARG A 5 9.91 13.22 -3.24
C ARG A 5 11.29 13.84 -3.02
N TRP A 6 12.28 13.47 -3.80
CA TRP A 6 13.64 13.99 -3.69
C TRP A 6 13.77 15.50 -3.98
N PHE A 7 12.74 16.08 -4.55
CA PHE A 7 12.79 17.50 -4.85
C PHE A 7 12.23 18.35 -3.72
N HIS A 8 13.08 19.24 -3.19
CA HIS A 8 12.70 20.15 -2.12
C HIS A 8 12.62 21.57 -2.67
N PRO A 9 11.39 22.11 -2.82
CA PRO A 9 11.22 23.41 -3.47
C PRO A 9 11.57 24.61 -2.59
N ASN A 10 11.39 24.49 -1.28
CA ASN A 10 11.56 25.63 -0.37
C ASN A 10 12.70 25.47 0.62
N ILE A 11 13.81 24.88 0.17
CA ILE A 11 14.92 24.62 1.07
C ILE A 11 16.15 25.46 0.66
N THR A 12 16.97 25.83 1.64
CA THR A 12 18.18 26.59 1.37
C THR A 12 19.40 25.67 1.29
N GLY A 13 20.53 26.24 0.91
CA GLY A 13 21.76 25.48 0.82
C GLY A 13 22.19 24.87 2.14
N VAL A 14 22.13 25.69 3.19
CA VAL A 14 22.51 25.25 4.53
C VAL A 14 21.57 24.16 5.04
N GLU A 15 20.27 24.37 4.85
CA GLU A 15 19.26 23.41 5.25
C GLU A 15 19.44 22.07 4.54
N ALA A 16 19.79 22.13 3.26
CA ALA A 16 20.04 20.92 2.47
C ALA A 16 21.22 20.14 3.02
N GLU A 17 22.27 20.87 3.43
CA GLU A 17 23.44 20.25 4.03
C GLU A 17 23.07 19.64 5.38
N ASN A 18 22.28 20.38 6.16
CA ASN A 18 21.81 19.90 7.46
C ASN A 18 21.05 18.61 7.36
N LEU A 19 20.16 18.56 6.37
CA LEU A 19 19.26 17.43 6.20
C LEU A 19 20.03 16.18 5.77
N LEU A 20 21.01 16.37 4.90
CA LEU A 20 21.80 15.25 4.38
C LEU A 20 22.75 14.68 5.42
N LEU A 21 23.25 15.54 6.30
CA LEU A 21 24.26 15.12 7.29
C LEU A 21 23.65 14.53 8.55
N THR A 22 22.42 14.94 8.88
CA THR A 22 21.79 14.50 10.11
C THR A 22 20.73 13.43 9.87
N ARG A 23 20.09 13.47 8.70
CA ARG A 23 19.00 12.56 8.41
C ARG A 23 19.30 11.67 7.20
N GLY A 24 20.50 11.81 6.65
CA GLY A 24 20.89 11.01 5.49
C GLY A 24 22.19 10.25 5.71
N VAL A 25 22.54 9.42 4.73
CA VAL A 25 23.79 8.66 4.79
C VAL A 25 24.59 8.89 3.51
N ASP A 26 25.73 8.23 3.38
CA ASP A 26 26.48 8.30 2.13
C ASP A 26 25.65 7.71 1.00
N GLY A 27 25.41 8.50 -0.04
CA GLY A 27 24.57 8.08 -1.13
C GLY A 27 23.24 8.80 -1.12
N SER A 28 22.95 9.49 -0.02
CA SER A 28 21.73 10.29 0.07
C SER A 28 21.84 11.52 -0.82
N PHE A 29 20.72 11.93 -1.38
CA PHE A 29 20.70 13.10 -2.26
C PHE A 29 19.35 13.79 -2.27
N LEU A 30 19.35 15.03 -2.75
CA LEU A 30 18.11 15.77 -2.99
C LEU A 30 18.37 16.79 -4.08
N ALA A 31 17.31 17.26 -4.73
CA ALA A 31 17.42 18.32 -5.71
C ALA A 31 16.63 19.54 -5.23
N ARG A 32 17.09 20.72 -5.62
CA ARG A 32 16.49 21.96 -5.13
C ARG A 32 16.72 23.10 -6.13
N PRO A 33 15.78 24.06 -6.17
CA PRO A 33 15.90 25.28 -6.98
C PRO A 33 16.90 26.28 -6.41
N SER A 34 17.51 27.09 -7.27
CA SER A 34 18.44 28.12 -6.82
C SER A 34 17.68 29.35 -6.32
N PRO A 38 17.34 32.85 -12.22
CA PRO A 38 17.11 31.49 -11.84
C PRO A 38 16.85 30.58 -13.09
N GLY A 39 16.15 29.48 -12.90
CA GLY A 39 16.26 28.38 -13.84
C GLY A 39 17.42 27.45 -13.49
N ASP A 40 18.06 27.79 -12.37
CA ASP A 40 19.12 26.99 -11.91
C ASP A 40 18.63 26.13 -10.74
N PHE A 41 19.21 24.96 -10.69
CA PHE A 41 18.92 23.98 -9.70
C PHE A 41 20.24 23.42 -9.17
N THR A 42 20.15 22.69 -8.10
CA THR A 42 21.30 22.07 -7.51
C THR A 42 21.04 20.65 -7.03
N LEU A 43 21.94 19.77 -7.40
CA LEU A 43 21.86 18.40 -6.93
C LEU A 43 22.83 18.24 -5.75
N SER A 44 22.28 18.12 -4.55
CA SER A 44 23.09 18.01 -3.34
C SER A 44 23.20 16.55 -2.91
N VAL A 45 24.44 16.06 -2.85
CA VAL A 45 24.69 14.65 -2.56
C VAL A 45 25.67 14.47 -1.41
N ARG A 46 25.36 13.54 -0.50
CA ARG A 46 26.29 13.20 0.57
C ARG A 46 27.21 12.05 0.15
N ARG A 47 28.50 12.22 0.38
CA ARG A 47 29.50 11.20 0.04
C ARG A 47 30.65 11.25 1.05
N ASN A 48 30.96 10.09 1.62
CA ASN A 48 32.02 9.98 2.63
C ASN A 48 31.89 11.00 3.75
N GLY A 49 30.69 11.11 4.32
CA GLY A 49 30.45 12.00 5.43
C GLY A 49 30.54 13.49 5.09
N ALA A 50 30.39 13.81 3.81
CA ALA A 50 30.44 15.21 3.40
C ALA A 50 29.43 15.46 2.28
N VAL A 51 29.04 16.72 2.12
CA VAL A 51 28.02 17.09 1.14
C VAL A 51 28.64 17.84 -0.04
N THR A 52 28.30 17.41 -1.25
CA THR A 52 28.73 18.11 -2.45
C THR A 52 27.52 18.66 -3.20
N HIS A 53 27.72 19.79 -3.88
CA HIS A 53 26.64 20.42 -4.62
C HIS A 53 27.01 20.50 -6.09
N ILE A 54 26.08 20.06 -6.94
CA ILE A 54 26.31 20.05 -8.38
C ILE A 54 25.26 20.91 -9.09
N LYS A 55 25.71 21.88 -9.85
CA LYS A 55 24.80 22.82 -10.51
C LYS A 55 24.09 22.18 -11.70
N ILE A 56 22.80 22.50 -11.82
CA ILE A 56 22.01 22.13 -12.99
C ILE A 56 21.45 23.41 -13.61
N GLN A 57 21.75 23.65 -14.88
CA GLN A 57 21.28 24.85 -15.56
C GLN A 57 20.21 24.53 -16.60
N ASN A 58 19.22 25.41 -16.71
CA ASN A 58 18.23 25.29 -17.77
C ASN A 58 17.83 26.67 -18.26
N THR A 59 18.32 27.00 -19.45
CA THR A 59 18.03 28.28 -20.06
C THR A 59 16.79 28.20 -20.95
N GLY A 60 16.27 27.00 -21.12
CA GLY A 60 15.06 26.80 -21.88
C GLY A 60 15.04 25.61 -22.82
N ASP A 61 16.19 24.96 -22.98
CA ASP A 61 16.32 23.90 -23.98
C ASP A 61 16.40 22.50 -23.35
N TYR A 62 17.05 22.42 -22.19
CA TYR A 62 17.30 21.15 -21.50
C TYR A 62 17.88 21.41 -20.12
N TYR A 63 17.86 20.39 -19.26
CA TYR A 63 18.51 20.46 -17.98
C TYR A 63 19.97 20.08 -18.15
N ASP A 64 20.87 21.00 -17.80
CA ASP A 64 22.31 20.81 -18.03
C ASP A 64 23.04 20.59 -16.71
N LEU A 65 23.36 19.32 -16.42
CA LEU A 65 24.12 18.96 -15.24
C LEU A 65 25.61 19.20 -15.41
N TYR A 66 26.17 20.06 -14.58
CA TYR A 66 27.60 20.37 -14.64
C TYR A 66 28.43 19.13 -14.32
N GLY A 67 29.35 18.79 -15.22
CA GLY A 67 30.14 17.58 -15.06
C GLY A 67 29.32 16.34 -15.33
N GLY A 68 28.17 16.54 -15.99
CA GLY A 68 27.28 15.45 -16.33
C GLY A 68 26.75 15.61 -17.75
N GLU A 69 25.52 15.18 -17.96
CA GLU A 69 24.91 15.25 -19.29
C GLU A 69 23.61 16.05 -19.28
N LYS A 70 22.93 16.10 -20.42
CA LYS A 70 21.73 16.92 -20.56
C LYS A 70 20.47 16.07 -20.59
N PHE A 71 19.42 16.56 -19.94
CA PHE A 71 18.19 15.78 -19.78
C PHE A 71 16.93 16.60 -20.03
N ALA A 72 15.85 15.90 -20.34
CA ALA A 72 14.56 16.54 -20.60
C ALA A 72 13.82 16.92 -19.33
N THR A 73 14.01 16.13 -18.27
CA THR A 73 13.39 16.41 -16.98
C THR A 73 14.36 16.07 -15.84
N LEU A 74 14.14 16.68 -14.68
CA LEU A 74 14.92 16.35 -13.51
C LEU A 74 14.71 14.90 -13.09
N ALA A 75 13.51 14.39 -13.34
CA ALA A 75 13.18 13.00 -13.03
C ALA A 75 14.03 12.03 -13.86
N GLU A 76 14.17 12.31 -15.15
CA GLU A 76 14.99 11.48 -16.02
C GLU A 76 16.47 11.62 -15.68
N LEU A 77 16.86 12.81 -15.20
CA LEU A 77 18.22 13.02 -14.72
C LEU A 77 18.51 12.10 -13.54
N VAL A 78 17.66 12.15 -12.53
CA VAL A 78 17.84 11.34 -11.32
C VAL A 78 17.77 9.85 -11.64
N GLN A 79 16.76 9.46 -12.39
CA GLN A 79 16.60 8.06 -12.80
C GLN A 79 17.84 7.54 -13.51
N TYR A 80 18.40 8.35 -14.40
CA TYR A 80 19.57 7.97 -15.18
C TYR A 80 20.76 7.63 -14.29
N TYR A 81 21.08 8.50 -13.34
CA TYR A 81 22.27 8.32 -12.51
C TYR A 81 22.06 7.33 -11.37
N MET A 82 20.81 7.12 -10.97
CA MET A 82 20.51 6.10 -9.97
C MET A 82 20.73 4.72 -10.58
N GLU A 83 20.58 4.64 -11.88
CA GLU A 83 20.72 3.41 -12.61
C GLU A 83 22.07 3.25 -13.28
N HIS A 84 22.87 4.27 -13.25
CA HIS A 84 24.15 4.29 -13.90
C HIS A 84 25.24 4.80 -12.95
N HIS A 85 25.74 3.92 -12.11
CA HIS A 85 26.78 4.29 -11.20
C HIS A 85 28.02 4.48 -12.01
N GLY A 86 28.88 5.35 -11.54
CA GLY A 86 30.11 5.59 -12.21
C GLY A 86 30.11 6.76 -13.15
N GLN A 87 28.98 7.38 -13.44
CA GLN A 87 29.05 8.48 -14.37
C GLN A 87 28.86 9.87 -13.92
N LEU A 88 28.47 10.06 -12.68
CA LEU A 88 28.38 11.39 -12.17
C LEU A 88 29.74 11.46 -11.50
N LYS A 89 30.56 12.43 -11.90
CA LYS A 89 31.89 12.56 -11.38
C LYS A 89 32.26 13.97 -11.00
N GLU A 90 33.22 14.13 -10.09
CA GLU A 90 33.74 15.42 -9.65
C GLU A 90 34.83 15.90 -10.60
N VAL A 95 33.91 9.99 -8.36
CA VAL A 95 32.65 9.29 -8.60
C VAL A 95 31.61 9.62 -7.53
N ILE A 96 30.43 10.03 -7.97
CA ILE A 96 29.36 10.43 -7.06
C ILE A 96 28.16 9.53 -7.27
N GLU A 97 27.74 8.85 -6.20
CA GLU A 97 26.67 7.86 -6.31
C GLU A 97 25.35 8.42 -5.83
N LEU A 98 24.31 8.27 -6.64
CA LEU A 98 22.95 8.54 -6.21
C LEU A 98 22.29 7.25 -5.75
N LYS A 99 22.12 7.10 -4.43
CA LYS A 99 21.58 5.86 -3.88
C LYS A 99 20.23 6.06 -3.20
N TYR A 100 20.18 6.99 -2.25
CA TYR A 100 18.98 7.16 -1.43
C TYR A 100 18.39 8.56 -1.54
N PRO A 101 17.20 8.67 -2.14
CA PRO A 101 16.52 9.96 -2.15
C PRO A 101 16.12 10.41 -0.75
N LEU A 102 16.49 11.62 -0.37
CA LEU A 102 16.06 12.17 0.90
C LEU A 102 14.72 12.86 0.67
N ASN A 103 13.64 12.23 1.13
CA ASN A 103 12.29 12.67 0.79
C ASN A 103 11.88 13.98 1.45
N CYS A 104 11.14 14.78 0.69
CA CYS A 104 10.64 16.07 1.16
C CYS A 104 9.26 15.91 1.79
N ALA A 105 9.04 16.59 2.92
CA ALA A 105 7.76 16.50 3.61
C ALA A 105 6.94 17.78 3.43
N ASP A 106 7.49 18.74 2.71
CA ASP A 106 6.81 20.00 2.41
C ASP A 106 5.69 19.78 1.38
N PRO A 107 4.44 20.06 1.76
CA PRO A 107 3.26 19.77 0.93
C PRO A 107 2.89 20.86 -0.09
N THR A 108 3.67 21.93 -0.16
CA THR A 108 3.30 23.09 -0.98
C THR A 108 3.14 22.81 -2.48
N SER A 109 3.88 21.82 -3.00
CA SER A 109 3.82 21.50 -4.42
C SER A 109 2.78 20.44 -4.80
N GLU A 110 2.05 19.95 -3.81
CA GLU A 110 0.99 18.98 -4.04
C GLU A 110 -0.27 19.67 -4.53
N ARG A 111 -0.94 19.09 -5.53
CA ARG A 111 -2.14 19.68 -6.11
C ARG A 111 -3.25 19.94 -5.08
N TRP A 112 -3.33 19.10 -4.05
CA TRP A 112 -4.43 19.15 -3.10
C TRP A 112 -4.19 20.12 -1.94
N PHE A 113 -2.99 20.67 -1.84
CA PHE A 113 -2.69 21.59 -0.75
C PHE A 113 -3.07 23.03 -1.10
N HIS A 114 -3.72 23.72 -0.16
CA HIS A 114 -4.22 25.07 -0.41
C HIS A 114 -3.68 26.08 0.60
N GLY A 115 -3.05 25.58 1.66
CA GLY A 115 -2.52 26.45 2.69
C GLY A 115 -3.60 27.17 3.47
N HIS A 116 -3.48 28.48 3.58
CA HIS A 116 -4.45 29.29 4.33
C HIS A 116 -5.77 29.35 3.56
N LEU A 117 -6.81 28.80 4.17
CA LEU A 117 -8.13 28.73 3.54
C LEU A 117 -9.20 28.44 4.59
N SER A 118 -10.26 29.24 4.60
CA SER A 118 -11.33 29.05 5.56
C SER A 118 -12.23 27.88 5.17
N GLY A 119 -13.01 27.39 6.14
CA GLY A 119 -13.92 26.30 5.90
C GLY A 119 -15.01 26.65 4.91
N LYS A 120 -15.51 27.88 5.00
CA LYS A 120 -16.56 28.35 4.10
C LYS A 120 -16.03 28.49 2.68
N GLU A 121 -14.82 29.06 2.56
CA GLU A 121 -14.19 29.24 1.25
C GLU A 121 -13.87 27.89 0.60
N ALA A 122 -13.50 26.90 1.42
CA ALA A 122 -13.24 25.57 0.92
C ALA A 122 -14.51 24.95 0.36
N GLU A 123 -15.62 25.13 1.08
CA GLU A 123 -16.91 24.63 0.63
C GLU A 123 -17.34 25.33 -0.65
N LYS A 124 -17.03 26.61 -0.75
CA LYS A 124 -17.33 27.39 -1.95
C LYS A 124 -16.60 26.83 -3.16
N LEU A 125 -15.28 26.68 -3.04
CA LEU A 125 -14.46 26.18 -4.13
C LEU A 125 -14.85 24.76 -4.53
N LEU A 126 -15.13 23.92 -3.53
CA LEU A 126 -15.52 22.54 -3.78
C LEU A 126 -16.90 22.46 -4.43
N THR A 127 -17.72 23.50 -4.23
CA THR A 127 -19.06 23.54 -4.82
C THR A 127 -19.01 23.91 -6.30
N GLU A 128 -18.21 24.92 -6.64
CA GLU A 128 -18.17 25.45 -8.01
C GLU A 128 -17.37 24.60 -8.98
N LYS A 129 -16.42 23.82 -8.45
CA LYS A 129 -15.49 23.10 -9.30
C LYS A 129 -15.39 21.61 -8.94
N GLY A 130 -15.68 21.29 -7.69
CA GLY A 130 -15.51 19.93 -7.20
C GLY A 130 -16.57 18.95 -7.66
N LYS A 131 -16.19 17.68 -7.74
CA LYS A 131 -17.13 16.60 -8.00
C LYS A 131 -16.99 15.57 -6.89
N HIS A 132 -17.61 14.41 -7.06
CA HIS A 132 -17.49 13.35 -6.06
C HIS A 132 -16.05 12.88 -5.94
N GLY A 133 -15.51 12.92 -4.74
CA GLY A 133 -14.14 12.48 -4.49
C GLY A 133 -13.14 13.61 -4.57
N SER A 134 -13.60 14.80 -4.92
CA SER A 134 -12.73 15.98 -4.95
C SER A 134 -12.37 16.38 -3.52
N PHE A 135 -11.11 16.71 -3.30
CA PHE A 135 -10.66 17.03 -1.95
C PHE A 135 -9.52 18.03 -1.95
N LEU A 136 -9.26 18.58 -0.76
CA LEU A 136 -8.15 19.49 -0.57
C LEU A 136 -7.68 19.43 0.88
N VAL A 137 -6.48 19.90 1.13
CA VAL A 137 -5.96 19.98 2.49
C VAL A 137 -5.55 21.42 2.77
N ARG A 138 -6.00 21.95 3.89
CA ARG A 138 -5.78 23.35 4.23
C ARG A 138 -5.35 23.51 5.68
N GLU A 139 -4.86 24.70 6.02
CA GLU A 139 -4.47 25.01 7.39
C GLU A 139 -5.69 25.18 8.27
N SER A 140 -5.58 24.75 9.51
CA SER A 140 -6.59 25.03 10.52
C SER A 140 -6.81 26.53 10.71
N GLN A 141 -8.07 26.90 10.90
CA GLN A 141 -8.45 28.29 11.11
C GLN A 141 -8.32 28.67 12.58
N SER A 142 -8.70 27.73 13.44
CA SER A 142 -8.69 27.94 14.89
C SER A 142 -7.37 27.54 15.52
N HIS A 143 -6.90 26.33 15.20
CA HIS A 143 -5.79 25.71 15.90
C HIS A 143 -4.52 25.72 15.05
N PRO A 144 -3.65 26.74 15.21
CA PRO A 144 -2.42 26.85 14.42
C PRO A 144 -1.55 25.59 14.47
N GLY A 145 -1.04 25.17 13.31
CA GLY A 145 -0.23 23.97 13.23
C GLY A 145 -1.01 22.76 12.74
N ASP A 146 -2.30 22.72 13.07
CA ASP A 146 -3.16 21.64 12.61
C ASP A 146 -3.63 21.90 11.18
N PHE A 147 -4.29 20.90 10.58
CA PHE A 147 -4.78 21.03 9.22
C PHE A 147 -6.20 20.48 9.09
N VAL A 148 -6.80 20.68 7.92
CA VAL A 148 -8.15 20.19 7.66
C VAL A 148 -8.24 19.52 6.29
N LEU A 149 -8.74 18.30 6.26
CA LEU A 149 -9.04 17.63 5.00
C LEU A 149 -10.49 17.86 4.61
N SER A 150 -10.69 18.66 3.57
CA SER A 150 -12.04 18.95 3.07
C SER A 150 -12.32 18.15 1.80
N VAL A 151 -13.28 17.24 1.88
CA VAL A 151 -13.59 16.38 0.74
C VAL A 151 -15.07 16.47 0.35
N ARG A 152 -15.33 16.46 -0.95
CA ARG A 152 -16.69 16.47 -1.47
C ARG A 152 -17.13 15.08 -1.92
N THR A 153 -18.33 14.68 -1.49
CA THR A 153 -18.94 13.44 -1.96
C THR A 153 -20.38 13.70 -2.35
N GLY A 154 -20.91 12.92 -3.29
CA GLY A 154 -22.31 13.08 -3.66
C GLY A 154 -22.73 12.56 -5.03
N ASP A 155 -23.79 13.16 -5.56
CA ASP A 155 -24.39 12.75 -6.82
C ASP A 155 -23.58 13.22 -8.02
N LYS A 164 -28.09 14.74 -3.79
CA LYS A 164 -27.41 15.85 -3.16
C LYS A 164 -25.93 15.54 -2.93
N SER A 165 -25.18 16.55 -2.51
CA SER A 165 -23.79 16.35 -2.29
C SER A 165 -23.45 17.13 -1.07
N LYS A 166 -22.35 16.82 -0.45
CA LYS A 166 -21.92 17.55 0.70
C LYS A 166 -20.44 17.68 0.71
N VAL A 167 -19.94 18.42 1.68
CA VAL A 167 -18.56 18.54 1.93
C VAL A 167 -18.32 18.09 3.36
N THR A 168 -17.29 17.30 3.61
CA THR A 168 -16.92 16.85 4.94
C THR A 168 -15.55 17.40 5.32
N HIS A 169 -15.46 17.96 6.51
CA HIS A 169 -14.20 18.49 7.03
C HIS A 169 -13.63 17.56 8.09
N VAL A 170 -12.44 17.04 7.83
CA VAL A 170 -11.76 16.15 8.77
C VAL A 170 -10.56 16.83 9.40
N MET A 171 -10.54 16.89 10.72
CA MET A 171 -9.46 17.56 11.44
C MET A 171 -8.16 16.77 11.42
N ILE A 172 -7.07 17.44 11.06
CA ILE A 172 -5.75 16.81 11.09
C ILE A 172 -4.88 17.47 12.15
N ARG A 173 -4.63 16.75 13.24
CA ARG A 173 -3.82 17.27 14.33
C ARG A 173 -2.33 17.08 14.04
N CYS A 174 -1.52 18.05 14.47
CA CYS A 174 -0.07 17.92 14.38
C CYS A 174 0.52 17.79 15.78
N GLN A 175 0.89 16.58 16.16
CA GLN A 175 1.46 16.34 17.48
C GLN A 175 2.86 15.74 17.34
N GLU A 176 3.84 16.43 17.93
CA GLU A 176 5.24 16.01 17.89
C GLU A 176 5.71 15.69 16.48
N LEU A 177 5.49 16.65 15.58
CA LEU A 177 5.97 16.57 14.19
C LEU A 177 5.35 15.43 13.38
N LYS A 178 4.24 14.87 13.84
CA LYS A 178 3.54 13.84 13.08
C LYS A 178 2.04 14.14 12.95
N TYR A 179 1.42 13.59 11.92
CA TYR A 179 0.03 13.92 11.58
C TYR A 179 -0.93 12.74 11.72
N ASP A 180 -2.13 13.02 12.24
CA ASP A 180 -3.18 12.01 12.40
C ASP A 180 -4.56 12.63 12.28
N VAL A 181 -5.58 11.78 12.09
CA VAL A 181 -6.95 12.26 11.98
C VAL A 181 -7.75 12.00 13.27
N GLY A 182 -7.06 11.98 14.41
CA GLY A 182 -7.73 11.84 15.69
C GLY A 182 -7.58 10.46 16.28
N GLY A 183 -7.07 9.52 15.47
CA GLY A 183 -6.90 8.15 15.90
C GLY A 183 -6.20 7.34 14.82
N GLY A 184 -5.73 6.15 15.19
CA GLY A 184 -5.05 5.29 14.25
C GLY A 184 -3.58 5.60 14.07
N GLU A 185 -3.10 5.50 12.84
CA GLU A 185 -1.69 5.71 12.52
C GLU A 185 -1.30 7.19 12.55
N ARG A 186 -0.04 7.44 12.88
CA ARG A 186 0.51 8.80 12.86
C ARG A 186 1.57 8.90 11.76
N PHE A 187 1.45 9.91 10.91
CA PHE A 187 2.26 9.99 9.70
C PHE A 187 3.33 11.08 9.75
N ASP A 188 4.43 10.86 9.04
CA ASP A 188 5.55 11.80 9.04
C ASP A 188 5.26 13.06 8.23
N SER A 189 4.35 12.95 7.27
CA SER A 189 4.00 14.08 6.43
C SER A 189 2.52 14.06 6.03
N LEU A 190 2.02 15.22 5.59
CA LEU A 190 0.66 15.31 5.07
C LEU A 190 0.52 14.43 3.84
N THR A 191 1.56 14.36 3.03
CA THR A 191 1.57 13.51 1.84
C THR A 191 1.33 12.05 2.20
N ASP A 192 2.05 11.55 3.19
CA ASP A 192 1.88 10.17 3.64
C ASP A 192 0.46 9.92 4.14
N LEU A 193 -0.07 10.88 4.88
CA LEU A 193 -1.43 10.79 5.41
C LEU A 193 -2.46 10.75 4.29
N VAL A 194 -2.31 11.67 3.32
CA VAL A 194 -3.22 11.74 2.19
C VAL A 194 -3.20 10.44 1.39
N GLU A 195 -2.00 9.98 1.05
CA GLU A 195 -1.85 8.76 0.28
C GLU A 195 -2.46 7.56 1.02
N HIS A 196 -2.31 7.54 2.34
CA HIS A 196 -2.88 6.45 3.13
C HIS A 196 -4.39 6.40 3.06
N TYR A 197 -5.03 7.56 3.24
CA TYR A 197 -6.49 7.59 3.29
C TYR A 197 -7.10 7.70 1.90
N LYS A 198 -6.25 7.88 0.90
CA LYS A 198 -6.68 7.70 -0.48
C LYS A 198 -6.83 6.20 -0.74
N LYS A 199 -5.82 5.45 -0.30
CA LYS A 199 -5.80 3.99 -0.49
C LYS A 199 -6.73 3.30 0.50
N ASN A 200 -6.77 3.81 1.72
CA ASN A 200 -7.65 3.28 2.76
C ASN A 200 -8.66 4.33 3.23
N PRO A 201 -9.75 4.50 2.48
CA PRO A 201 -10.73 5.57 2.70
C PRO A 201 -11.38 5.52 4.08
N MET A 202 -11.53 6.70 4.68
CA MET A 202 -12.23 6.84 5.95
C MET A 202 -13.73 6.60 5.78
N VAL A 203 -14.32 5.87 6.72
CA VAL A 203 -15.75 5.61 6.68
C VAL A 203 -16.45 6.31 7.84
N GLU A 204 -17.50 7.06 7.52
CA GLU A 204 -18.25 7.76 8.55
C GLU A 204 -19.11 6.78 9.33
N THR A 205 -19.64 7.24 10.46
CA THR A 205 -20.46 6.40 11.33
C THR A 205 -21.66 5.83 10.61
N LEU A 206 -22.21 6.63 9.69
CA LEU A 206 -23.39 6.19 8.97
C LEU A 206 -23.00 5.51 7.67
N GLY A 207 -21.69 5.29 7.49
CA GLY A 207 -21.16 4.45 6.42
C GLY A 207 -20.52 5.15 5.21
N THR A 208 -20.58 6.47 5.18
CA THR A 208 -20.10 7.24 4.03
C THR A 208 -18.64 7.02 3.78
N VAL A 209 -18.27 6.67 2.54
CA VAL A 209 -16.87 6.45 2.22
C VAL A 209 -16.29 7.78 1.72
N LEU A 210 -15.33 8.31 2.47
CA LEU A 210 -14.70 9.57 2.12
C LEU A 210 -13.61 9.33 1.10
N GLN A 211 -14.00 8.93 -0.11
CA GLN A 211 -13.03 8.67 -1.17
C GLN A 211 -12.31 9.94 -1.57
N LEU A 212 -10.99 9.83 -1.67
CA LEU A 212 -10.16 10.90 -2.18
C LEU A 212 -9.78 10.57 -3.62
N LYS A 213 -10.65 10.93 -4.55
CA LYS A 213 -10.49 10.55 -5.96
C LYS A 213 -9.50 11.46 -6.68
N GLN A 214 -9.77 12.76 -6.67
CA GLN A 214 -8.90 13.72 -7.34
C GLN A 214 -8.80 15.02 -6.54
N PRO A 215 -7.63 15.66 -6.58
CA PRO A 215 -7.49 16.98 -5.95
C PRO A 215 -8.39 18.01 -6.63
N LEU A 216 -8.82 19.03 -5.90
CA LEU A 216 -9.65 20.08 -6.47
C LEU A 216 -8.84 20.87 -7.49
N ASN A 217 -9.40 21.06 -8.68
CA ASN A 217 -8.72 21.85 -9.70
C ASN A 217 -8.61 23.30 -9.25
N THR A 218 -7.40 23.86 -9.36
CA THR A 218 -7.16 25.22 -8.92
C THR A 218 -6.53 26.08 -10.01
N THR A 219 -6.51 25.56 -11.23
CA THR A 219 -5.82 26.25 -12.33
C THR A 219 -6.71 26.56 -13.54
N ARG A 220 -7.82 25.83 -13.69
CA ARG A 220 -8.75 26.10 -14.77
C ARG A 220 -9.50 27.40 -14.50
N ILE A 221 -9.50 28.30 -15.47
CA ILE A 221 -10.17 29.58 -15.34
C ILE A 221 -10.89 29.98 -16.61
N ASN A 222 -11.81 30.94 -16.51
CA ASN A 222 -12.43 31.48 -17.71
C ASN A 222 -11.45 32.39 -18.44
N ALA A 223 -11.50 32.35 -19.77
CA ALA A 223 -10.55 33.10 -20.60
C ALA A 223 -10.56 34.60 -20.31
N ALA A 224 -11.72 35.15 -19.98
CA ALA A 224 -11.84 36.59 -19.72
C ALA A 224 -11.17 37.00 -18.39
N GLU A 225 -11.01 36.03 -17.49
CA GLU A 225 -10.37 36.28 -16.19
C GLU A 225 -8.87 35.98 -16.21
N ILE A 226 -8.29 35.83 -17.40
CA ILE A 226 -6.85 35.53 -17.48
C ILE A 226 -6.05 36.69 -16.87
N GLU A 227 -6.51 37.92 -17.10
CA GLU A 227 -5.81 39.10 -16.61
C GLU A 227 -5.78 39.15 -15.08
N SER A 228 -6.91 38.81 -14.45
CA SER A 228 -6.98 38.75 -13.00
C SER A 228 -6.07 37.66 -12.44
N ARG A 229 -6.05 36.50 -13.12
CA ARG A 229 -5.23 35.39 -12.69
C ARG A 229 -3.74 35.69 -12.87
N VAL A 230 -3.39 36.37 -13.96
CA VAL A 230 -2.01 36.76 -14.20
C VAL A 230 -1.52 37.74 -13.12
N ARG A 231 -2.34 38.73 -12.79
CA ARG A 231 -2.04 39.63 -11.68
C ARG A 231 -1.84 38.88 -10.37
N GLU A 232 -2.73 37.92 -10.08
CA GLU A 232 -2.61 37.11 -8.87
C GLU A 232 -1.29 36.33 -8.88
N LEU A 233 -0.96 35.75 -10.04
CA LEU A 233 0.25 34.94 -10.17
C LEU A 233 1.53 35.79 -10.19
N SER A 234 1.41 37.04 -10.61
CA SER A 234 2.55 37.95 -10.66
C SER A 234 2.88 38.54 -9.29
N LYS A 235 1.93 38.48 -8.37
CA LYS A 235 2.10 39.04 -7.04
C LYS A 235 3.16 38.31 -6.22
N GLY A 246 3.54 33.45 -7.61
CA GLY A 246 2.42 32.65 -8.08
C GLY A 246 2.84 31.71 -9.18
N PHE A 247 3.47 32.27 -10.22
CA PHE A 247 3.91 31.49 -11.37
C PHE A 247 4.86 30.37 -10.97
N TRP A 248 5.83 30.67 -10.11
CA TRP A 248 6.83 29.68 -9.73
C TRP A 248 6.22 28.51 -8.95
N GLU A 249 5.30 28.80 -8.04
CA GLU A 249 4.71 27.74 -7.23
C GLU A 249 3.73 26.89 -8.06
N GLU A 250 3.03 27.53 -9.00
CA GLU A 250 2.12 26.79 -9.87
C GLU A 250 2.94 25.92 -10.82
N PHE A 251 4.06 26.45 -11.31
CA PHE A 251 4.92 25.71 -12.23
C PHE A 251 5.52 24.47 -11.56
N GLU A 252 6.05 24.64 -10.35
CA GLU A 252 6.67 23.52 -9.64
C GLU A 252 5.63 22.47 -9.23
N THR A 253 4.40 22.91 -9.02
CA THR A 253 3.30 21.98 -8.75
C THR A 253 3.08 21.10 -9.98
N LEU A 254 3.22 21.70 -11.16
CA LEU A 254 3.14 20.95 -12.40
C LEU A 254 4.35 20.03 -12.54
N GLN A 255 5.53 20.55 -12.23
CA GLN A 255 6.76 19.78 -12.32
C GLN A 255 6.71 18.54 -11.42
N GLN A 256 6.06 18.70 -10.31
CA GLN A 256 5.89 17.60 -9.39
C GLN A 256 5.12 16.42 -9.97
N GLN A 257 4.36 16.65 -11.02
CA GLN A 257 3.54 15.62 -11.64
C GLN A 257 4.20 14.96 -12.85
N GLU A 258 5.46 15.30 -13.14
CA GLU A 258 6.11 14.80 -14.34
C GLU A 258 6.36 13.29 -14.31
N CYS A 259 6.47 12.73 -13.11
CA CYS A 259 6.69 11.29 -12.94
C CYS A 259 5.42 10.46 -13.07
N LYS A 260 4.28 11.15 -13.09
CA LYS A 260 2.99 10.46 -13.12
C LYS A 260 2.62 9.98 -14.51
N LEU A 261 3.42 10.36 -15.51
CA LEU A 261 3.12 10.01 -16.89
C LEU A 261 3.70 8.65 -17.26
N LEU A 262 2.88 7.82 -17.90
CA LEU A 262 3.33 6.50 -18.33
C LEU A 262 3.89 6.57 -19.75
N TYR A 263 5.18 6.28 -19.88
CA TYR A 263 5.84 6.32 -21.18
C TYR A 263 7.15 5.54 -21.14
N SER A 264 7.57 5.03 -22.29
CA SER A 264 8.87 4.39 -22.43
C SER A 264 9.66 5.09 -23.53
N ARG A 265 10.97 4.93 -23.51
CA ARG A 265 11.85 5.56 -24.49
C ARG A 265 12.88 4.56 -25.00
N LYS A 266 12.40 3.36 -25.30
CA LYS A 266 13.28 2.24 -25.67
C LYS A 266 13.83 2.36 -27.08
N GLU A 267 12.99 2.76 -28.03
CA GLU A 267 13.40 2.85 -29.43
C GLU A 267 14.55 3.82 -29.63
N GLY A 268 14.50 4.94 -28.91
CA GLY A 268 15.55 5.94 -28.96
C GLY A 268 16.85 5.45 -28.33
N GLN A 269 16.76 4.38 -27.55
CA GLN A 269 17.93 3.83 -26.86
C GLN A 269 18.62 2.72 -27.65
N ARG A 270 17.97 2.26 -28.72
CA ARG A 270 18.58 1.23 -29.58
C ARG A 270 19.91 1.69 -30.17
N GLN A 271 20.85 0.76 -30.30
CA GLN A 271 22.20 1.09 -30.74
C GLN A 271 22.21 1.80 -32.10
N GLU A 272 21.36 1.34 -33.01
CA GLU A 272 21.28 1.88 -34.36
C GLU A 272 20.65 3.27 -34.40
N ASN A 273 20.01 3.67 -33.31
CA ASN A 273 19.30 4.95 -33.25
C ASN A 273 20.02 5.99 -32.39
N LYS A 274 21.09 5.59 -31.72
CA LYS A 274 21.75 6.48 -30.77
C LYS A 274 22.25 7.78 -31.39
N ASN A 275 22.87 7.69 -32.56
CA ASN A 275 23.44 8.88 -33.19
C ASN A 275 22.41 9.65 -34.02
N LYS A 276 21.15 9.26 -33.92
CA LYS A 276 20.07 10.00 -34.58
C LYS A 276 19.45 10.98 -33.60
N ASN A 277 19.96 10.96 -32.36
CA ASN A 277 19.53 11.88 -31.33
C ASN A 277 20.54 12.99 -31.14
N ARG A 278 20.08 14.24 -31.15
CA ARG A 278 20.98 15.35 -30.93
C ARG A 278 21.55 15.29 -29.52
N TYR A 279 20.69 14.99 -28.55
CA TYR A 279 21.11 14.78 -27.18
C TYR A 279 20.73 13.36 -26.79
N LYS A 280 21.73 12.53 -26.45
CA LYS A 280 21.53 11.08 -26.33
C LYS A 280 20.49 10.68 -25.29
N ASN A 281 20.24 11.53 -24.30
CA ASN A 281 19.28 11.19 -23.25
C ASN A 281 17.91 11.86 -23.43
N ILE A 282 17.80 12.70 -24.45
CA ILE A 282 16.52 13.36 -24.73
C ILE A 282 15.84 12.63 -25.89
N LEU A 283 14.86 11.81 -25.55
CA LEU A 283 14.32 10.83 -26.48
C LEU A 283 12.81 10.99 -26.68
N PRO A 284 12.31 10.49 -27.82
CA PRO A 284 10.86 10.50 -28.06
C PRO A 284 10.15 9.42 -27.24
N SER A 285 8.92 9.69 -26.82
CA SER A 285 8.11 8.68 -26.19
C SER A 285 7.71 7.65 -27.25
N ASP A 286 7.83 6.37 -26.91
CA ASP A 286 7.60 5.30 -27.88
C ASP A 286 6.18 5.30 -28.43
N HIS A 287 5.19 5.55 -27.58
CA HIS A 287 3.80 5.38 -27.98
C HIS A 287 3.31 6.44 -28.95
N THR A 288 4.01 7.57 -29.04
CA THR A 288 3.60 8.64 -29.94
C THR A 288 4.67 9.03 -30.96
N ARG A 289 5.73 8.23 -31.05
CA ARG A 289 6.83 8.55 -31.95
C ARG A 289 6.40 8.43 -33.41
N VAL A 290 7.02 9.24 -34.27
CA VAL A 290 6.78 9.12 -35.70
C VAL A 290 7.54 7.90 -36.22
N VAL A 291 6.81 6.93 -36.75
CA VAL A 291 7.42 5.73 -37.30
C VAL A 291 7.50 5.84 -38.81
N LEU A 292 8.73 5.83 -39.33
CA LEU A 292 8.94 5.99 -40.76
C LEU A 292 8.85 4.66 -41.49
N HIS A 293 7.99 4.61 -42.50
CA HIS A 293 7.88 3.43 -43.35
C HIS A 293 8.53 3.71 -44.70
N ASP A 294 8.46 2.76 -45.62
CA ASP A 294 9.02 2.90 -46.95
C ASP A 294 10.53 3.12 -46.90
N GLY A 295 11.19 2.59 -45.89
CA GLY A 295 12.63 2.76 -45.75
C GLY A 295 13.39 1.80 -46.65
N ASP A 296 14.66 2.05 -46.92
CA ASP A 296 15.42 1.24 -47.86
C ASP A 296 15.85 -0.07 -47.25
N PRO A 297 15.46 -1.21 -47.98
CA PRO A 297 15.49 -2.45 -47.17
C PRO A 297 16.89 -2.90 -46.82
N ASN A 298 17.82 -2.13 -47.31
CA ASN A 298 19.21 -2.30 -47.14
C ASN A 298 19.72 -1.59 -45.90
N GLU A 299 18.85 -0.82 -45.26
CA GLU A 299 19.12 -0.24 -43.94
C GLU A 299 18.42 -1.00 -42.80
N PRO A 300 19.28 -1.67 -41.91
CA PRO A 300 18.58 -2.49 -40.91
C PRO A 300 17.51 -1.79 -40.05
N VAL A 301 17.73 -0.56 -39.59
CA VAL A 301 16.71 0.17 -38.86
C VAL A 301 16.50 1.48 -39.59
N SER A 302 15.36 1.65 -40.22
CA SER A 302 15.10 2.83 -41.02
C SER A 302 13.81 3.54 -40.59
N ASP A 303 13.25 3.14 -39.47
CA ASP A 303 11.94 3.63 -39.07
C ASP A 303 11.97 4.71 -37.98
N TYR A 304 13.16 5.13 -37.59
CA TYR A 304 13.30 6.02 -36.44
C TYR A 304 13.66 7.46 -36.77
N ILE A 305 12.95 8.38 -36.10
CA ILE A 305 13.37 9.78 -36.05
C ILE A 305 12.98 10.32 -34.67
N ASN A 306 13.80 11.21 -34.12
CA ASN A 306 13.49 11.79 -32.82
C ASN A 306 12.37 12.81 -32.98
N ALA A 307 11.14 12.31 -32.95
CA ALA A 307 9.95 13.14 -33.17
C ALA A 307 8.72 12.47 -32.60
N ASN A 308 7.79 13.27 -32.06
CA ASN A 308 6.54 12.74 -31.56
C ASN A 308 5.33 13.47 -32.14
N ILE A 309 4.29 12.71 -32.45
CA ILE A 309 2.99 13.30 -32.78
C ILE A 309 2.37 13.88 -31.52
N ILE A 310 1.96 15.14 -31.59
CA ILE A 310 1.26 15.77 -30.48
C ILE A 310 -0.19 16.08 -30.88
N MET A 311 -1.13 15.40 -30.24
CA MET A 311 -2.54 15.61 -30.53
C MET A 311 -3.23 16.24 -29.34
N PRO A 312 -3.90 17.38 -29.57
CA PRO A 312 -4.65 18.04 -28.49
C PRO A 312 -5.78 17.16 -27.98
N GLU A 313 -6.28 17.47 -26.78
CA GLU A 313 -7.34 16.70 -26.15
C GLU A 313 -8.07 17.50 -25.10
N LYS A 324 -8.60 20.18 -33.93
CA LYS A 324 -8.43 19.31 -35.08
C LYS A 324 -6.98 19.29 -35.56
N LYS A 325 -6.30 20.42 -35.43
CA LYS A 325 -4.89 20.48 -35.85
C LYS A 325 -3.99 19.69 -34.90
N SER A 326 -3.06 18.94 -35.48
CA SER A 326 -2.06 18.23 -34.70
C SER A 326 -0.66 18.72 -35.02
N TYR A 327 0.32 18.28 -34.23
CA TYR A 327 1.69 18.75 -34.39
C TYR A 327 2.67 17.59 -34.43
N ILE A 328 3.86 17.87 -34.95
CA ILE A 328 5.01 17.01 -34.72
C ILE A 328 6.08 17.82 -34.00
N ALA A 329 6.40 17.39 -32.79
CA ALA A 329 7.48 18.02 -32.03
C ALA A 329 8.76 17.22 -32.27
N THR A 330 9.74 17.87 -32.87
CA THR A 330 10.99 17.18 -33.20
C THR A 330 12.20 18.07 -32.92
N GLN A 331 13.39 17.47 -33.01
CA GLN A 331 14.64 18.19 -32.80
C GLN A 331 15.08 18.88 -34.08
N GLY A 332 16.04 19.80 -33.95
CA GLY A 332 16.68 20.37 -35.13
C GLY A 332 17.47 19.27 -35.80
N CYS A 333 17.43 19.23 -37.13
CA CYS A 333 18.12 18.19 -37.90
C CYS A 333 19.61 18.08 -37.61
N LEU A 334 20.09 16.84 -37.62
CA LEU A 334 21.53 16.55 -37.65
C LEU A 334 21.92 16.26 -39.10
N GLN A 335 23.22 16.31 -39.39
CA GLN A 335 23.71 16.01 -40.72
C GLN A 335 23.20 14.65 -41.21
N ASN A 336 23.17 13.68 -40.32
CA ASN A 336 22.77 12.32 -40.67
C ASN A 336 21.28 12.03 -40.52
N THR A 337 20.46 13.04 -40.20
CA THR A 337 19.02 12.85 -40.07
C THR A 337 18.20 13.73 -41.00
N VAL A 338 18.87 14.51 -41.85
CA VAL A 338 18.18 15.36 -42.82
C VAL A 338 17.25 14.56 -43.74
N ASN A 339 17.75 13.46 -44.29
CA ASN A 339 16.95 12.61 -45.16
C ASN A 339 15.74 12.03 -44.42
N ASP A 340 15.95 11.64 -43.17
CA ASP A 340 14.86 11.12 -42.34
C ASP A 340 13.80 12.19 -42.09
N PHE A 341 14.26 13.42 -41.86
CA PHE A 341 13.36 14.54 -41.65
C PHE A 341 12.39 14.71 -42.81
N TRP A 342 12.91 14.66 -44.03
CA TRP A 342 12.08 14.87 -45.20
C TRP A 342 11.17 13.66 -45.46
N ARG A 343 11.65 12.47 -45.11
CA ARG A 343 10.80 11.29 -45.14
C ARG A 343 9.58 11.49 -44.23
N MET A 344 9.82 12.05 -43.05
CA MET A 344 8.74 12.32 -42.09
C MET A 344 7.74 13.33 -42.64
N VAL A 345 8.24 14.47 -43.12
CA VAL A 345 7.39 15.53 -43.65
C VAL A 345 6.52 15.00 -44.79
N PHE A 346 7.13 14.24 -45.70
CA PHE A 346 6.44 13.64 -46.82
C PHE A 346 5.35 12.65 -46.37
N GLN A 347 5.76 11.67 -45.57
CA GLN A 347 4.87 10.63 -45.08
C GLN A 347 3.66 11.17 -44.31
N GLU A 348 3.90 12.17 -43.45
CA GLU A 348 2.83 12.70 -42.60
C GLU A 348 2.02 13.78 -43.30
N ASN A 349 2.37 14.08 -44.56
CA ASN A 349 1.68 15.09 -45.36
C ASN A 349 1.73 16.47 -44.71
N SER A 350 2.78 16.74 -43.96
CA SER A 350 2.96 18.04 -43.34
C SER A 350 3.19 19.12 -44.40
N ARG A 351 2.50 20.24 -44.25
CA ARG A 351 2.59 21.32 -45.22
C ARG A 351 3.15 22.58 -44.60
N VAL A 352 3.36 22.55 -43.29
CA VAL A 352 3.91 23.70 -42.58
C VAL A 352 4.99 23.24 -41.59
N ILE A 353 6.13 23.92 -41.62
CA ILE A 353 7.21 23.69 -40.66
C ILE A 353 7.46 24.96 -39.84
N VAL A 354 7.54 24.80 -38.53
CA VAL A 354 7.88 25.91 -37.65
C VAL A 354 9.27 25.71 -37.05
N MET A 355 10.21 26.57 -37.43
CA MET A 355 11.56 26.52 -36.89
C MET A 355 11.75 27.65 -35.88
N THR A 356 12.10 27.29 -34.64
CA THR A 356 12.17 28.28 -33.57
C THR A 356 13.59 28.48 -33.04
N THR A 357 14.57 28.24 -33.89
CA THR A 357 15.96 28.45 -33.53
C THR A 357 16.73 28.95 -34.74
N LYS A 358 17.88 29.59 -34.48
CA LYS A 358 18.83 29.85 -35.55
C LYS A 358 19.60 28.57 -35.79
N GLU A 359 20.29 28.48 -36.93
CA GLU A 359 21.11 27.32 -37.21
C GLU A 359 22.22 27.21 -36.18
N VAL A 360 22.78 28.36 -35.82
CA VAL A 360 23.86 28.43 -34.85
C VAL A 360 23.53 29.46 -33.77
N GLU A 361 23.62 29.03 -32.51
CA GLU A 361 23.43 29.93 -31.38
C GLU A 361 24.57 29.73 -30.38
N ARG A 362 25.20 30.83 -29.98
CA ARG A 362 26.34 30.79 -29.06
C ARG A 362 27.46 29.90 -29.60
N GLY A 363 27.68 29.96 -30.90
CA GLY A 363 28.75 29.21 -31.54
C GLY A 363 28.50 27.72 -31.70
N LYS A 364 27.31 27.26 -31.34
CA LYS A 364 26.97 25.84 -31.46
C LYS A 364 25.81 25.59 -32.42
N SER A 365 25.95 24.56 -33.24
CA SER A 365 24.93 24.18 -34.21
C SER A 365 23.70 23.61 -33.51
N LYS A 366 22.56 24.28 -33.72
CA LYS A 366 21.31 23.85 -33.11
C LYS A 366 20.43 23.14 -34.12
N CYS A 367 20.74 23.36 -35.39
CA CYS A 367 20.02 22.74 -36.49
C CYS A 367 20.83 22.90 -37.77
N VAL A 368 21.04 21.80 -38.49
CA VAL A 368 21.70 21.87 -39.78
C VAL A 368 20.72 22.41 -40.82
N LYS A 369 21.25 23.11 -41.81
CA LYS A 369 20.44 23.64 -42.89
C LYS A 369 19.84 22.52 -43.73
N TYR A 370 18.56 22.24 -43.55
CA TYR A 370 17.91 21.13 -44.24
C TYR A 370 17.13 21.58 -45.46
N TRP A 371 17.25 22.87 -45.79
CA TRP A 371 16.55 23.43 -46.95
C TRP A 371 17.55 23.99 -47.94
N PRO A 372 17.20 23.98 -49.24
CA PRO A 372 18.13 24.50 -50.24
C PRO A 372 18.22 26.02 -50.21
N ASP A 373 19.26 26.59 -50.82
CA ASP A 373 19.34 28.03 -50.99
C ASP A 373 18.16 28.48 -51.82
N GLU A 374 17.80 29.76 -51.72
CA GLU A 374 16.67 30.29 -52.49
C GLU A 374 16.87 30.04 -53.98
N TYR A 375 15.81 29.57 -54.62
CA TYR A 375 15.74 29.25 -56.06
C TYR A 375 16.45 27.93 -56.39
N ALA A 376 17.10 27.31 -55.41
CA ALA A 376 17.87 26.10 -55.66
C ALA A 376 17.05 24.82 -55.50
N LEU A 377 17.56 23.74 -56.08
CA LEU A 377 16.92 22.43 -55.99
C LEU A 377 17.92 21.40 -55.45
N LYS A 378 17.49 20.62 -54.47
CA LYS A 378 18.38 19.62 -53.87
C LYS A 378 17.65 18.31 -53.64
N GLU A 379 18.39 17.21 -53.70
CA GLU A 379 17.84 15.92 -53.35
C GLU A 379 18.36 15.47 -51.99
N TYR A 380 17.43 15.12 -51.11
CA TYR A 380 17.75 14.58 -49.80
C TYR A 380 17.28 13.14 -49.75
N GLY A 381 18.16 12.21 -50.13
CA GLY A 381 17.78 10.83 -50.30
C GLY A 381 16.80 10.75 -51.45
N VAL A 382 15.66 10.09 -51.23
CA VAL A 382 14.65 9.96 -52.25
C VAL A 382 13.73 11.18 -52.33
N MET A 383 13.97 12.16 -51.46
CA MET A 383 13.13 13.36 -51.43
C MET A 383 13.81 14.54 -52.12
N ARG A 384 13.04 15.22 -52.96
CA ARG A 384 13.53 16.36 -53.73
C ARG A 384 12.84 17.63 -53.26
N VAL A 385 13.64 18.67 -53.00
CA VAL A 385 13.11 19.92 -52.47
C VAL A 385 13.57 21.12 -53.29
N ARG A 386 12.62 21.95 -53.72
CA ARG A 386 12.96 23.23 -54.33
C ARG A 386 12.60 24.39 -53.40
N ASN A 387 13.54 25.31 -53.21
CA ASN A 387 13.25 26.55 -52.51
C ASN A 387 12.72 27.57 -53.50
N VAL A 388 11.39 27.71 -53.56
CA VAL A 388 10.75 28.55 -54.55
C VAL A 388 11.01 30.04 -54.33
N LYS A 389 10.81 30.48 -53.10
CA LYS A 389 10.98 31.89 -52.76
C LYS A 389 11.12 32.06 -51.25
N GLU A 390 11.93 33.03 -50.83
CA GLU A 390 12.02 33.38 -49.42
C GLU A 390 11.42 34.76 -49.20
N SER A 391 10.76 34.93 -48.05
CA SER A 391 10.15 36.19 -47.70
C SER A 391 10.55 36.60 -46.28
N ALA A 392 11.11 37.78 -46.14
CA ALA A 392 11.61 38.23 -44.84
C ALA A 392 10.60 39.13 -44.13
N ALA A 393 10.23 38.73 -42.92
CA ALA A 393 9.45 39.57 -42.00
C ALA A 393 10.37 40.02 -40.88
N HIS A 394 9.85 40.81 -39.94
CA HIS A 394 10.70 41.34 -38.88
C HIS A 394 11.21 40.24 -37.94
N ASP A 395 10.31 39.36 -37.50
CA ASP A 395 10.67 38.32 -36.53
C ASP A 395 10.96 36.96 -37.19
N TYR A 396 10.62 36.81 -38.47
CA TYR A 396 10.78 35.51 -39.10
C TYR A 396 11.01 35.59 -40.61
N THR A 397 11.51 34.48 -41.15
CA THR A 397 11.66 34.30 -42.58
C THR A 397 10.74 33.18 -43.05
N LEU A 398 9.99 33.44 -44.11
CA LEU A 398 9.15 32.41 -44.73
C LEU A 398 9.85 31.81 -45.94
N ARG A 399 9.92 30.49 -46.00
CA ARG A 399 10.48 29.83 -47.17
C ARG A 399 9.44 28.91 -47.81
N GLU A 400 9.05 29.24 -49.03
CA GLU A 400 8.11 28.44 -49.78
C GLU A 400 8.88 27.31 -50.44
N LEU A 401 8.66 26.09 -49.96
CA LEU A 401 9.38 24.93 -50.46
C LEU A 401 8.47 23.98 -51.23
N LYS A 402 9.01 23.31 -52.24
CA LYS A 402 8.26 22.28 -52.95
C LYS A 402 8.90 20.92 -52.75
N LEU A 403 8.17 20.02 -52.09
CA LEU A 403 8.66 18.69 -51.76
C LEU A 403 7.99 17.64 -52.62
N SER A 404 8.79 16.73 -53.17
CA SER A 404 8.28 15.62 -53.95
C SER A 404 9.22 14.42 -53.84
N LYS A 405 8.74 13.23 -54.20
CA LYS A 405 9.61 12.06 -54.25
C LYS A 405 10.23 11.95 -55.62
N VAL A 406 11.51 11.58 -55.67
CA VAL A 406 12.19 11.41 -56.94
C VAL A 406 11.47 10.34 -57.76
N GLY A 407 11.40 10.53 -59.07
CA GLY A 407 10.71 9.60 -59.94
C GLY A 407 9.19 9.68 -59.89
N GLN A 408 8.69 10.56 -59.03
CA GLN A 408 7.25 10.69 -58.83
C GLN A 408 6.83 12.16 -59.00
N GLY A 409 6.44 12.53 -60.20
CA GLY A 409 5.95 13.88 -60.47
C GLY A 409 4.70 14.28 -59.71
N ASN A 410 3.73 13.38 -59.64
CA ASN A 410 2.43 13.68 -59.03
C ASN A 410 2.44 13.76 -57.50
N THR A 411 3.60 13.62 -56.87
CA THR A 411 3.67 13.71 -55.41
C THR A 411 4.06 15.08 -54.88
N GLU A 412 4.27 16.05 -55.77
CA GLU A 412 4.74 17.37 -55.35
C GLU A 412 3.72 18.08 -54.47
N ARG A 413 4.18 18.68 -53.40
CA ARG A 413 3.38 19.60 -52.60
C ARG A 413 4.19 20.76 -51.97
N THR A 414 3.49 21.84 -51.72
CA THR A 414 4.18 22.99 -51.16
C THR A 414 4.25 22.89 -49.63
N VAL A 415 5.46 23.06 -49.11
CA VAL A 415 5.69 23.07 -47.68
C VAL A 415 6.18 24.45 -47.28
N TRP A 416 5.45 25.08 -46.37
CA TRP A 416 5.77 26.42 -45.94
C TRP A 416 6.58 26.38 -44.65
N GLN A 417 7.85 26.80 -44.75
CA GLN A 417 8.73 26.81 -43.59
C GLN A 417 8.76 28.19 -42.96
N TYR A 418 8.21 28.28 -41.76
CA TYR A 418 8.25 29.52 -40.99
C TYR A 418 9.41 29.49 -40.01
N HIS A 419 10.40 30.34 -40.25
CA HIS A 419 11.61 30.33 -39.44
C HIS A 419 11.69 31.55 -38.53
N PHE A 420 11.31 31.36 -37.27
CA PHE A 420 11.39 32.43 -36.28
C PHE A 420 12.86 32.68 -35.94
N ARG A 421 13.30 33.93 -36.08
CA ARG A 421 14.73 34.25 -36.03
C ARG A 421 15.16 35.05 -34.80
N THR A 422 14.22 35.68 -34.11
CA THR A 422 14.57 36.64 -33.07
C THR A 422 14.38 36.14 -31.64
N TRP A 423 14.19 34.84 -31.47
CA TRP A 423 14.08 34.28 -30.12
C TRP A 423 15.44 34.41 -29.43
N PRO A 424 15.46 34.96 -28.21
CA PRO A 424 16.73 35.18 -27.51
C PRO A 424 17.49 33.87 -27.22
N ASP A 425 18.82 33.95 -27.16
CA ASP A 425 19.65 32.76 -26.96
C ASP A 425 19.28 32.05 -25.65
N HIS A 426 19.00 32.86 -24.64
CA HIS A 426 18.61 32.39 -23.33
C HIS A 426 17.28 33.02 -22.92
N GLY A 427 16.47 32.31 -22.16
CA GLY A 427 15.21 32.84 -21.68
C GLY A 427 14.14 32.98 -22.74
N VAL A 428 13.23 33.93 -22.54
CA VAL A 428 12.08 34.10 -23.43
C VAL A 428 11.97 35.55 -23.87
N PRO A 429 11.26 35.82 -24.97
CA PRO A 429 11.05 37.20 -25.40
C PRO A 429 10.36 38.02 -24.33
N SER A 430 10.68 39.30 -24.29
CA SER A 430 10.08 40.20 -23.30
C SER A 430 8.62 40.49 -23.61
N ASP A 431 8.28 40.41 -24.88
CA ASP A 431 6.92 40.67 -25.35
C ASP A 431 6.46 39.60 -26.33
N PRO A 432 5.25 39.07 -26.10
CA PRO A 432 4.72 37.94 -26.90
C PRO A 432 4.14 38.34 -28.25
N GLY A 433 4.05 39.63 -28.54
CA GLY A 433 3.47 40.12 -29.77
C GLY A 433 4.03 39.49 -31.03
N GLY A 434 5.35 39.44 -31.11
CA GLY A 434 6.03 38.83 -32.26
C GLY A 434 5.61 37.38 -32.46
N VAL A 435 5.66 36.61 -31.38
CA VAL A 435 5.31 35.19 -31.43
C VAL A 435 3.84 35.00 -31.79
N LEU A 436 2.96 35.82 -31.21
CA LEU A 436 1.53 35.73 -31.49
C LEU A 436 1.23 36.00 -32.96
N ASP A 437 1.82 37.05 -33.51
CA ASP A 437 1.64 37.38 -34.92
C ASP A 437 2.16 36.26 -35.81
N PHE A 438 3.32 35.71 -35.42
CA PHE A 438 3.92 34.56 -36.08
C PHE A 438 2.95 33.38 -36.14
N LEU A 439 2.47 32.94 -34.97
CA LEU A 439 1.57 31.80 -34.88
C LEU A 439 0.25 32.03 -35.61
N GLU A 440 -0.22 33.28 -35.57
CA GLU A 440 -1.46 33.65 -36.26
C GLU A 440 -1.32 33.43 -37.77
N GLU A 441 -0.17 33.80 -38.31
CA GLU A 441 0.09 33.59 -39.73
C GLU A 441 0.19 32.10 -40.03
N VAL A 442 0.97 31.40 -39.22
CA VAL A 442 1.13 29.94 -39.33
C VAL A 442 -0.23 29.25 -39.29
N HIS A 443 -1.09 29.68 -38.39
CA HIS A 443 -2.41 29.07 -38.25
C HIS A 443 -3.22 29.21 -39.54
N HIS A 444 -3.22 30.40 -40.12
CA HIS A 444 -4.02 30.66 -41.31
C HIS A 444 -3.46 29.95 -42.53
N LYS A 445 -2.15 29.80 -42.59
CA LYS A 445 -1.56 29.03 -43.68
C LYS A 445 -2.01 27.58 -43.59
N GLN A 446 -1.96 27.01 -42.39
CA GLN A 446 -2.38 25.63 -42.17
C GLN A 446 -3.84 25.43 -42.50
N GLU A 447 -4.68 26.36 -42.05
CA GLU A 447 -6.12 26.25 -42.27
C GLU A 447 -6.50 26.38 -43.74
N SER A 448 -5.65 27.03 -44.54
CA SER A 448 -5.95 27.26 -45.95
C SER A 448 -5.65 26.05 -46.82
N ILE A 449 -4.96 25.06 -46.27
CA ILE A 449 -4.58 23.89 -47.05
C ILE A 449 -5.46 22.70 -46.70
N MET A 450 -6.20 22.22 -47.68
CA MET A 450 -7.13 21.11 -47.47
C MET A 450 -6.37 19.84 -47.09
N ASP A 451 -6.81 19.22 -45.99
CA ASP A 451 -6.27 17.94 -45.54
C ASP A 451 -4.77 17.95 -45.26
N ALA A 452 -4.24 19.11 -44.88
CA ALA A 452 -2.84 19.21 -44.48
C ALA A 452 -2.58 18.35 -43.25
N GLY A 453 -1.40 17.75 -43.19
CA GLY A 453 -1.02 16.93 -42.04
C GLY A 453 -0.57 17.77 -40.86
N PRO A 454 0.07 17.14 -39.88
CA PRO A 454 0.51 17.84 -38.66
C PRO A 454 1.53 18.94 -38.95
N VAL A 455 1.43 20.04 -38.19
CA VAL A 455 2.40 21.12 -38.29
C VAL A 455 3.70 20.73 -37.59
N VAL A 456 4.80 20.74 -38.32
CA VAL A 456 6.09 20.36 -37.75
C VAL A 456 6.70 21.53 -36.98
N VAL A 457 7.04 21.29 -35.72
CA VAL A 457 7.66 22.32 -34.89
C VAL A 457 8.97 21.80 -34.30
N HIS A 458 10.05 22.56 -34.43
CA HIS A 458 11.32 22.14 -33.86
C HIS A 458 12.17 23.29 -33.34
N CYS A 459 13.04 22.97 -32.39
CA CYS A 459 14.05 23.91 -31.90
C CYS A 459 15.39 23.16 -31.89
N SER A 460 16.03 23.09 -30.74
CA SER A 460 17.27 22.32 -30.62
C SER A 460 16.97 20.88 -30.21
N ALA A 461 16.48 20.71 -28.99
CA ALA A 461 16.15 19.39 -28.46
C ALA A 461 14.70 19.01 -28.77
N GLY A 462 13.91 20.00 -29.17
CA GLY A 462 12.53 19.75 -29.53
C GLY A 462 11.58 19.61 -28.34
N ILE A 463 11.88 20.26 -27.22
CA ILE A 463 11.00 20.19 -26.06
C ILE A 463 10.73 21.54 -25.40
N GLY A 464 11.72 22.41 -25.40
CA GLY A 464 11.61 23.70 -24.72
C GLY A 464 10.81 24.75 -25.49
N ARG A 465 11.46 25.38 -26.45
CA ARG A 465 10.81 26.36 -27.30
C ARG A 465 9.69 25.69 -28.10
N THR A 466 9.98 24.49 -28.58
CA THR A 466 9.00 23.71 -29.34
C THR A 466 7.73 23.48 -28.53
N GLY A 467 7.90 23.03 -27.29
CA GLY A 467 6.77 22.81 -26.41
C GLY A 467 6.01 24.08 -26.12
N THR A 468 6.75 25.16 -25.92
CA THR A 468 6.17 26.46 -25.62
C THR A 468 5.33 27.00 -26.78
N PHE A 469 5.85 26.90 -28.00
CA PHE A 469 5.10 27.31 -29.18
C PHE A 469 3.82 26.49 -29.39
N ILE A 470 3.93 25.19 -29.17
CA ILE A 470 2.79 24.29 -29.38
C ILE A 470 1.69 24.52 -28.34
N VAL A 471 2.07 24.70 -27.08
CA VAL A 471 1.09 24.92 -26.03
C VAL A 471 0.36 26.25 -26.24
N ILE A 472 1.09 27.29 -26.61
CA ILE A 472 0.46 28.57 -26.91
C ILE A 472 -0.53 28.40 -28.07
N ASP A 473 -0.10 27.71 -29.12
CA ASP A 473 -0.94 27.50 -30.29
C ASP A 473 -2.21 26.74 -29.95
N ILE A 474 -2.10 25.72 -29.10
CA ILE A 474 -3.24 24.95 -28.64
C ILE A 474 -4.24 25.82 -27.87
N LEU A 475 -3.73 26.62 -26.94
CA LEU A 475 -4.57 27.49 -26.12
C LEU A 475 -5.23 28.60 -26.94
N ILE A 476 -4.49 29.18 -27.87
CA ILE A 476 -5.04 30.23 -28.73
C ILE A 476 -6.12 29.69 -29.66
N ASP A 477 -5.94 28.46 -30.08
CA ASP A 477 -6.90 27.80 -30.93
C ASP A 477 -8.31 27.74 -30.30
N ILE A 478 -8.33 27.45 -29.03
CA ILE A 478 -9.57 27.36 -28.28
C ILE A 478 -10.23 28.72 -28.22
N ILE A 479 -9.43 29.74 -27.89
CA ILE A 479 -9.91 31.11 -27.76
C ILE A 479 -10.37 31.70 -29.10
N ARG A 480 -9.63 31.39 -30.17
CA ARG A 480 -9.99 31.93 -31.48
C ARG A 480 -11.36 31.44 -31.93
N GLU A 481 -11.71 30.21 -31.54
CA GLU A 481 -12.98 29.62 -31.93
C GLU A 481 -14.11 29.97 -30.97
N LYS A 482 -13.78 30.10 -29.68
CA LYS A 482 -14.80 30.23 -28.65
C LYS A 482 -14.84 31.61 -27.99
N GLY A 483 -13.87 32.46 -28.33
CA GLY A 483 -13.76 33.76 -27.70
C GLY A 483 -13.43 33.65 -26.24
N VAL A 484 -13.94 34.58 -25.45
CA VAL A 484 -13.66 34.62 -24.02
C VAL A 484 -14.56 33.68 -23.23
N ASP A 485 -15.51 33.05 -23.92
CA ASP A 485 -16.44 32.14 -23.27
C ASP A 485 -15.97 30.70 -23.37
N CYS A 486 -14.84 30.42 -22.72
CA CYS A 486 -14.28 29.08 -22.68
C CYS A 486 -13.35 28.94 -21.49
N ASP A 487 -13.22 27.72 -20.99
CA ASP A 487 -12.28 27.45 -19.92
C ASP A 487 -10.91 27.10 -20.47
N ILE A 488 -9.87 27.65 -19.84
CA ILE A 488 -8.51 27.27 -20.18
C ILE A 488 -7.76 26.87 -18.92
N ASP A 489 -6.90 25.87 -19.06
CA ASP A 489 -6.13 25.33 -17.94
C ASP A 489 -4.72 25.08 -18.44
N VAL A 490 -3.84 26.05 -18.19
CA VAL A 490 -2.48 26.00 -18.73
C VAL A 490 -1.68 24.78 -18.27
N PRO A 491 -1.60 24.52 -16.95
CA PRO A 491 -0.78 23.35 -16.60
C PRO A 491 -1.38 22.02 -17.03
N LYS A 492 -2.71 21.93 -17.09
CA LYS A 492 -3.35 20.70 -17.56
C LYS A 492 -3.03 20.45 -19.03
N THR A 493 -3.04 21.51 -19.82
CA THR A 493 -2.72 21.43 -21.24
C THR A 493 -1.26 21.01 -21.44
N ILE A 494 -0.36 21.56 -20.64
CA ILE A 494 1.05 21.18 -20.71
C ILE A 494 1.24 19.72 -20.34
N GLN A 495 0.55 19.28 -19.28
CA GLN A 495 0.63 17.90 -18.84
C GLN A 495 0.14 16.96 -19.94
N MET A 496 -0.92 17.37 -20.62
CA MET A 496 -1.48 16.60 -21.72
C MET A 496 -0.46 16.46 -22.86
N VAL A 497 0.29 17.53 -23.11
CA VAL A 497 1.30 17.50 -24.16
C VAL A 497 2.51 16.68 -23.71
N ARG A 498 2.88 16.81 -22.44
CA ARG A 498 4.01 16.08 -21.88
C ARG A 498 3.76 14.57 -21.87
N SER A 499 2.49 14.17 -21.85
CA SER A 499 2.15 12.74 -21.89
C SER A 499 2.50 12.14 -23.25
N GLN A 500 2.78 13.00 -24.22
CA GLN A 500 3.08 12.57 -25.59
C GLN A 500 4.55 12.77 -25.96
N ARG A 501 5.24 13.62 -25.20
CA ARG A 501 6.68 13.81 -25.36
C ARG A 501 7.19 14.43 -24.06
N SER A 502 8.08 13.72 -23.36
CA SER A 502 8.54 14.19 -22.06
C SER A 502 9.39 15.46 -22.20
N GLY A 503 9.19 16.40 -21.27
CA GLY A 503 9.99 17.61 -21.23
C GLY A 503 9.38 18.80 -21.97
N MET A 504 8.22 18.62 -22.57
CA MET A 504 7.57 19.72 -23.27
C MET A 504 7.30 20.87 -22.29
N VAL A 505 7.77 22.06 -22.65
CA VAL A 505 7.88 23.23 -21.76
C VAL A 505 8.90 22.96 -20.65
N GLN A 506 10.01 23.70 -20.70
CA GLN A 506 11.19 23.40 -19.90
C GLN A 506 11.32 24.24 -18.62
N THR A 507 11.00 25.52 -18.72
CA THR A 507 11.34 26.46 -17.65
C THR A 507 10.16 27.28 -17.15
N GLU A 508 10.33 27.89 -15.99
CA GLU A 508 9.35 28.79 -15.42
C GLU A 508 9.17 30.04 -16.28
N ALA A 509 10.25 30.45 -16.95
CA ALA A 509 10.18 31.61 -17.84
C ALA A 509 9.27 31.34 -19.03
N GLN A 510 9.34 30.13 -19.57
CA GLN A 510 8.46 29.73 -20.65
C GLN A 510 7.02 29.60 -20.17
N TYR A 511 6.86 29.05 -18.97
CA TYR A 511 5.53 28.88 -18.37
C TYR A 511 4.84 30.23 -18.24
N ARG A 512 5.55 31.19 -17.69
CA ARG A 512 5.05 32.56 -17.54
C ARG A 512 4.79 33.22 -18.90
N PHE A 513 5.66 32.96 -19.86
CA PHE A 513 5.54 33.50 -21.20
C PHE A 513 4.25 33.01 -21.87
N ILE A 514 3.90 31.74 -21.61
CA ILE A 514 2.68 31.16 -22.14
C ILE A 514 1.46 31.93 -21.62
N TYR A 515 1.44 32.20 -20.31
CA TYR A 515 0.37 33.00 -19.71
C TYR A 515 0.31 34.41 -20.30
N MET A 516 1.47 35.03 -20.48
CA MET A 516 1.53 36.39 -21.03
C MET A 516 1.03 36.44 -22.46
N ALA A 517 1.36 35.41 -23.23
CA ALA A 517 0.94 35.31 -24.63
C ALA A 517 -0.56 35.15 -24.72
N VAL A 518 -1.12 34.26 -23.89
CA VAL A 518 -2.56 34.05 -23.84
C VAL A 518 -3.27 35.32 -23.44
N GLN A 519 -2.75 36.00 -22.41
CA GLN A 519 -3.33 37.25 -21.92
C GLN A 519 -3.34 38.32 -23.00
N HIS A 520 -2.23 38.44 -23.72
CA HIS A 520 -2.10 39.41 -24.80
C HIS A 520 -3.09 39.14 -25.94
N TYR A 521 -3.20 37.88 -26.33
CA TYR A 521 -4.07 37.49 -27.45
C TYR A 521 -5.54 37.79 -27.17
N ILE A 522 -5.99 37.47 -25.96
CA ILE A 522 -7.37 37.72 -25.56
C ILE A 522 -7.71 39.20 -25.58
N GLU A 523 -6.80 40.03 -25.07
CA GLU A 523 -7.02 41.48 -25.00
C GLU A 523 -7.08 42.14 -26.36
N THR A 524 -6.39 41.57 -27.34
CA THR A 524 -6.32 42.19 -28.67
C THR A 524 -7.41 41.65 -29.61
N LEU A 525 -8.37 40.92 -29.05
CA LEU A 525 -9.52 40.46 -29.83
C LEU A 525 -10.42 41.62 -30.21
N THR B 2 -5.07 -4.65 12.36
CA THR B 2 -5.17 -5.94 11.68
C THR B 2 -3.73 -6.47 11.53
N SER B 3 -2.77 -5.62 11.87
CA SER B 3 -1.36 -5.99 11.89
C SER B 3 -0.88 -6.37 13.29
N ARG B 4 -1.61 -5.90 14.31
CA ARG B 4 -1.30 -6.18 15.73
C ARG B 4 0.05 -5.62 16.15
N ARG B 5 0.41 -4.47 15.58
CA ARG B 5 1.71 -3.84 15.82
C ARG B 5 1.87 -3.30 17.25
N TRP B 6 0.75 -3.11 17.93
CA TRP B 6 0.76 -2.51 19.26
C TRP B 6 1.26 -3.47 20.35
N PHE B 7 1.42 -4.75 20.03
CA PHE B 7 1.93 -5.69 21.02
C PHE B 7 3.45 -5.80 20.96
N HIS B 8 4.10 -5.49 22.07
CA HIS B 8 5.55 -5.58 22.19
C HIS B 8 5.92 -6.74 23.09
N PRO B 9 6.46 -7.83 22.50
CA PRO B 9 6.75 -9.04 23.26
C PRO B 9 7.99 -8.96 24.13
N ASN B 10 8.98 -8.17 23.73
CA ASN B 10 10.28 -8.19 24.39
C ASN B 10 10.65 -6.93 25.14
N ILE B 11 9.66 -6.27 25.74
CA ILE B 11 9.91 -5.01 26.43
C ILE B 11 9.54 -5.07 27.91
N THR B 12 10.22 -4.25 28.71
CA THR B 12 9.94 -4.15 30.14
C THR B 12 8.98 -3.01 30.41
N GLY B 13 8.53 -2.90 31.66
CA GLY B 13 7.61 -1.83 32.05
C GLY B 13 8.21 -0.45 31.87
N VAL B 14 9.44 -0.28 32.29
CA VAL B 14 10.14 1.00 32.16
C VAL B 14 10.37 1.36 30.69
N GLU B 15 10.80 0.38 29.90
CA GLU B 15 11.02 0.59 28.48
C GLU B 15 9.73 1.05 27.81
N ALA B 16 8.61 0.49 28.24
CA ALA B 16 7.31 0.87 27.71
C ALA B 16 6.95 2.33 28.01
N GLU B 17 7.26 2.78 29.22
CA GLU B 17 6.99 4.16 29.64
C GLU B 17 7.81 5.13 28.84
N ASN B 18 9.10 4.80 28.74
CA ASN B 18 10.06 5.54 27.87
C ASN B 18 9.65 5.63 26.42
N LEU B 19 9.10 4.53 25.89
CA LEU B 19 8.71 4.49 24.50
C LEU B 19 7.49 5.38 24.25
N LEU B 20 6.56 5.33 25.19
CA LEU B 20 5.32 6.09 25.11
C LEU B 20 5.54 7.58 25.32
N LEU B 21 6.52 7.93 26.15
CA LEU B 21 6.76 9.32 26.51
C LEU B 21 7.64 10.03 25.48
N THR B 22 8.47 9.26 24.78
CA THR B 22 9.41 9.85 23.83
C THR B 22 8.94 9.72 22.38
N ARG B 23 8.17 8.67 22.09
CA ARG B 23 7.75 8.40 20.72
C ARG B 23 6.22 8.42 20.57
N GLY B 24 5.51 8.69 21.65
CA GLY B 24 4.06 8.71 21.60
C GLY B 24 3.45 10.01 22.11
N VAL B 25 2.13 10.11 21.99
CA VAL B 25 1.39 11.27 22.48
C VAL B 25 0.28 10.79 23.40
N ASP B 26 -0.52 11.72 23.92
CA ASP B 26 -1.67 11.35 24.73
C ASP B 26 -2.65 10.55 23.87
N GLY B 27 -2.96 9.34 24.32
CA GLY B 27 -3.80 8.43 23.56
C GLY B 27 -3.02 7.28 22.98
N SER B 28 -1.69 7.37 23.02
CA SER B 28 -0.83 6.28 22.57
C SER B 28 -0.88 5.12 23.55
N PHE B 29 -0.78 3.91 23.03
CA PHE B 29 -0.85 2.73 23.87
C PHE B 29 -0.04 1.57 23.27
N LEU B 30 0.25 0.59 24.09
CA LEU B 30 0.86 -0.65 23.65
C LEU B 30 0.47 -1.76 24.62
N ALA B 31 0.59 -3.01 24.16
CA ALA B 31 0.35 -4.15 25.04
C ALA B 31 1.64 -4.95 25.14
N ARG B 32 1.83 -5.59 26.30
CA ARG B 32 3.09 -6.28 26.58
C ARG B 32 2.86 -7.40 27.59
N PRO B 33 3.73 -8.42 27.55
CA PRO B 33 3.62 -9.46 28.57
C PRO B 33 4.04 -8.91 29.93
N SER B 34 3.45 -9.41 31.00
CA SER B 34 3.81 -8.97 32.34
C SER B 34 5.07 -9.66 32.83
N LYS B 35 6.07 -8.87 33.20
CA LYS B 35 7.32 -9.44 33.70
C LYS B 35 7.25 -9.75 35.20
N SER B 36 6.31 -9.11 35.88
CA SER B 36 6.11 -9.33 37.31
C SER B 36 5.33 -10.63 37.55
N ASN B 37 4.22 -10.78 36.84
CA ASN B 37 3.41 -11.99 36.95
C ASN B 37 3.33 -12.70 35.60
N PRO B 38 4.25 -13.64 35.36
CA PRO B 38 4.29 -14.43 34.12
C PRO B 38 2.97 -15.09 33.78
N GLY B 39 2.57 -15.02 32.51
CA GLY B 39 1.32 -15.60 32.07
C GLY B 39 0.28 -14.53 31.83
N ASP B 40 0.49 -13.36 32.43
CA ASP B 40 -0.44 -12.24 32.27
C ASP B 40 0.14 -11.19 31.33
N PHE B 41 -0.67 -10.17 31.04
CA PHE B 41 -0.28 -9.11 30.14
C PHE B 41 -0.58 -7.74 30.74
N THR B 42 0.00 -6.70 30.17
CA THR B 42 -0.22 -5.33 30.65
C THR B 42 -0.52 -4.38 29.50
N LEU B 43 -1.58 -3.60 29.66
CA LEU B 43 -1.92 -2.55 28.70
C LEU B 43 -1.38 -1.21 29.20
N SER B 44 -0.36 -0.70 28.52
CA SER B 44 0.27 0.56 28.92
C SER B 44 -0.23 1.71 28.05
N VAL B 45 -0.79 2.73 28.69
CA VAL B 45 -1.40 3.85 27.96
C VAL B 45 -0.87 5.20 28.45
N ARG B 46 -0.60 6.09 27.50
CA ARG B 46 -0.18 7.44 27.84
C ARG B 46 -1.40 8.35 27.98
N ARG B 47 -1.42 9.09 29.07
CA ARG B 47 -2.53 9.97 29.41
C ARG B 47 -2.01 11.20 30.13
N ASN B 48 -2.40 12.38 29.66
CA ASN B 48 -2.02 13.64 30.28
C ASN B 48 -0.51 13.74 30.54
N GLY B 49 0.28 13.39 29.53
CA GLY B 49 1.72 13.45 29.65
C GLY B 49 2.33 12.47 30.63
N ALA B 50 1.57 11.42 30.97
CA ALA B 50 2.04 10.38 31.88
C ALA B 50 1.52 9.01 31.47
N VAL B 51 2.20 7.96 31.93
CA VAL B 51 1.84 6.60 31.55
C VAL B 51 1.18 5.84 32.71
N THR B 52 0.05 5.19 32.42
CA THR B 52 -0.61 4.32 33.39
C THR B 52 -0.66 2.89 32.85
N HIS B 53 -0.65 1.91 33.74
CA HIS B 53 -0.64 0.50 33.34
C HIS B 53 -1.86 -0.27 33.85
N ILE B 54 -2.48 -1.03 32.95
CA ILE B 54 -3.65 -1.82 33.30
C ILE B 54 -3.42 -3.31 33.08
N LYS B 55 -3.63 -4.09 34.13
CA LYS B 55 -3.35 -5.51 34.09
C LYS B 55 -4.41 -6.29 33.31
N ILE B 56 -3.93 -7.28 32.54
CA ILE B 56 -4.80 -8.23 31.85
C ILE B 56 -4.46 -9.65 32.30
N GLN B 57 -5.45 -10.37 32.82
CA GLN B 57 -5.21 -11.72 33.30
C GLN B 57 -5.81 -12.76 32.35
N ASN B 58 -5.13 -13.89 32.22
CA ASN B 58 -5.66 -15.03 31.49
C ASN B 58 -5.21 -16.31 32.17
N THR B 59 -6.13 -16.94 32.90
CA THR B 59 -5.83 -18.19 33.60
C THR B 59 -6.12 -19.39 32.71
N GLY B 60 -6.72 -19.13 31.55
CA GLY B 60 -6.99 -20.18 30.59
C GLY B 60 -8.35 -20.12 29.92
N ASP B 61 -9.21 -19.22 30.39
CA ASP B 61 -10.60 -19.17 29.91
C ASP B 61 -10.85 -17.96 29.01
N TYR B 62 -10.22 -16.84 29.33
CA TYR B 62 -10.43 -15.59 28.62
C TYR B 62 -9.42 -14.54 29.09
N TYR B 63 -9.29 -13.47 28.32
CA TYR B 63 -8.47 -12.33 28.75
C TYR B 63 -9.33 -11.43 29.63
N ASP B 64 -8.89 -11.23 30.88
CA ASP B 64 -9.68 -10.50 31.85
C ASP B 64 -9.03 -9.14 32.11
N LEU B 65 -9.61 -8.08 31.55
CA LEU B 65 -9.08 -6.74 31.74
C LEU B 65 -9.50 -6.28 33.12
N TYR B 66 -8.52 -6.00 33.98
CA TYR B 66 -8.80 -5.59 35.34
C TYR B 66 -9.55 -4.26 35.36
N GLY B 67 -10.70 -4.24 36.01
CA GLY B 67 -11.55 -3.07 36.02
C GLY B 67 -12.24 -2.88 34.67
N GLY B 68 -12.23 -3.93 33.86
CA GLY B 68 -12.84 -3.89 32.55
C GLY B 68 -13.65 -5.14 32.27
N GLU B 69 -13.65 -5.59 31.03
CA GLU B 69 -14.44 -6.76 30.67
C GLU B 69 -13.57 -7.89 30.14
N LYS B 70 -14.23 -8.97 29.73
CA LYS B 70 -13.53 -10.19 29.31
C LYS B 70 -13.60 -10.38 27.80
N PHE B 71 -12.50 -10.85 27.22
CA PHE B 71 -12.38 -10.96 25.78
C PHE B 71 -11.75 -12.27 25.34
N ALA B 72 -11.98 -12.62 24.08
CA ALA B 72 -11.45 -13.87 23.50
C ALA B 72 -10.00 -13.72 23.04
N THR B 73 -9.64 -12.51 22.59
CA THR B 73 -8.28 -12.23 22.14
C THR B 73 -7.86 -10.83 22.57
N LEU B 74 -6.56 -10.59 22.65
CA LEU B 74 -6.05 -9.25 22.93
C LEU B 74 -6.46 -8.29 21.83
N ALA B 75 -6.56 -8.81 20.60
CA ALA B 75 -6.97 -8.01 19.45
C ALA B 75 -8.40 -7.51 19.58
N GLU B 76 -9.31 -8.39 19.99
CA GLU B 76 -10.71 -8.00 20.18
C GLU B 76 -10.85 -7.07 21.39
N LEU B 77 -9.97 -7.25 22.37
CA LEU B 77 -9.91 -6.35 23.51
C LEU B 77 -9.56 -4.94 23.06
N VAL B 78 -8.46 -4.82 22.31
CA VAL B 78 -7.99 -3.52 21.85
C VAL B 78 -9.01 -2.83 20.94
N GLN B 79 -9.50 -3.56 19.94
CA GLN B 79 -10.49 -3.03 19.01
C GLN B 79 -11.72 -2.52 19.74
N TYR B 80 -12.16 -3.28 20.74
CA TYR B 80 -13.34 -2.92 21.53
C TYR B 80 -13.18 -1.54 22.16
N TYR B 81 -12.07 -1.32 22.85
CA TYR B 81 -11.88 -0.07 23.57
C TYR B 81 -11.45 1.06 22.64
N MET B 82 -10.89 0.71 21.49
CA MET B 82 -10.57 1.71 20.49
C MET B 82 -11.84 2.26 19.87
N GLU B 83 -12.89 1.44 19.86
CA GLU B 83 -14.17 1.82 19.25
C GLU B 83 -15.19 2.22 20.30
N HIS B 84 -14.82 2.11 21.57
CA HIS B 84 -15.71 2.40 22.68
C HIS B 84 -15.01 3.31 23.69
N HIS B 85 -14.96 4.60 23.40
CA HIS B 85 -14.37 5.56 24.33
C HIS B 85 -15.32 5.83 25.48
N GLY B 86 -14.76 5.94 26.69
CA GLY B 86 -15.55 6.17 27.88
C GLY B 86 -15.77 4.93 28.71
N GLN B 87 -15.45 3.76 28.16
CA GLN B 87 -15.64 2.50 28.87
C GLN B 87 -14.34 1.92 29.43
N LEU B 88 -13.22 2.39 28.94
CA LEU B 88 -11.92 2.00 29.48
C LEU B 88 -11.56 2.89 30.66
N LYS B 89 -11.26 2.29 31.79
CA LYS B 89 -10.95 3.07 32.99
C LYS B 89 -9.66 2.57 33.60
N GLU B 90 -8.88 3.49 34.16
CA GLU B 90 -7.63 3.11 34.81
C GLU B 90 -7.90 2.70 36.25
N LYS B 91 -6.86 2.66 37.07
CA LYS B 91 -6.97 2.10 38.39
C LYS B 91 -7.74 3.01 39.36
N ASN B 92 -7.65 4.33 39.14
CA ASN B 92 -8.36 5.27 40.00
C ASN B 92 -9.78 5.57 39.50
N GLY B 93 -10.14 4.98 38.36
CA GLY B 93 -11.49 5.11 37.83
C GLY B 93 -11.68 6.19 36.78
N ASP B 94 -10.58 6.80 36.34
CA ASP B 94 -10.65 7.83 35.30
C ASP B 94 -10.78 7.21 33.92
N VAL B 95 -11.52 7.87 33.04
CA VAL B 95 -11.69 7.39 31.67
C VAL B 95 -10.40 7.56 30.88
N ILE B 96 -9.95 6.46 30.29
CA ILE B 96 -8.68 6.41 29.57
C ILE B 96 -8.88 5.93 28.13
N GLU B 97 -8.42 6.73 27.16
CA GLU B 97 -8.68 6.47 25.74
C GLU B 97 -7.54 5.77 25.00
N LEU B 98 -7.89 4.73 24.24
CA LEU B 98 -6.97 4.11 23.29
C LEU B 98 -7.13 4.75 21.92
N LYS B 99 -6.14 5.55 21.52
CA LYS B 99 -6.24 6.29 20.26
C LYS B 99 -5.21 5.86 19.24
N TYR B 100 -3.95 5.88 19.62
CA TYR B 100 -2.85 5.64 18.69
C TYR B 100 -2.00 4.46 19.11
N PRO B 101 -2.05 3.37 18.34
CA PRO B 101 -1.17 2.23 18.62
C PRO B 101 0.29 2.59 18.43
N LEU B 102 1.11 2.32 19.43
CA LEU B 102 2.55 2.51 19.30
C LEU B 102 3.14 1.24 18.74
N ASN B 103 3.51 1.29 17.46
CA ASN B 103 3.90 0.10 16.72
C ASN B 103 5.25 -0.46 17.16
N CYS B 104 5.33 -1.78 17.16
CA CYS B 104 6.56 -2.48 17.54
C CYS B 104 7.46 -2.71 16.33
N ALA B 105 8.75 -2.45 16.50
CA ALA B 105 9.70 -2.64 15.42
C ALA B 105 10.56 -3.87 15.65
N ASP B 106 10.32 -4.55 16.78
CA ASP B 106 11.02 -5.78 17.10
C ASP B 106 10.47 -6.91 16.23
N PRO B 107 11.33 -7.49 15.37
CA PRO B 107 10.91 -8.49 14.39
C PRO B 107 10.89 -9.93 14.91
N THR B 108 11.20 -10.14 16.19
CA THR B 108 11.36 -11.49 16.73
C THR B 108 10.10 -12.36 16.62
N SER B 109 8.93 -11.73 16.67
CA SER B 109 7.67 -12.47 16.61
C SER B 109 7.18 -12.62 15.17
N GLU B 110 7.95 -12.10 14.22
CA GLU B 110 7.60 -12.26 12.82
C GLU B 110 7.99 -13.66 12.35
N ARG B 111 7.10 -14.27 11.60
CA ARG B 111 7.28 -15.62 11.09
C ARG B 111 8.55 -15.78 10.25
N TRP B 112 8.92 -14.72 9.53
CA TRP B 112 10.02 -14.80 8.58
C TRP B 112 11.39 -14.47 9.19
N PHE B 113 11.43 -14.03 10.44
CA PHE B 113 12.70 -13.68 11.06
C PHE B 113 13.33 -14.91 11.72
N HIS B 114 14.64 -15.08 11.52
CA HIS B 114 15.34 -16.25 12.02
C HIS B 114 16.52 -15.91 12.92
N GLY B 115 16.89 -14.63 12.94
CA GLY B 115 18.02 -14.20 13.74
C GLY B 115 19.33 -14.75 13.21
N HIS B 116 20.10 -15.39 14.08
CA HIS B 116 21.39 -15.94 13.68
C HIS B 116 21.21 -17.15 12.76
N LEU B 117 21.66 -17.00 11.51
CA LEU B 117 21.51 -18.05 10.51
C LEU B 117 22.46 -17.80 9.34
N SER B 118 23.24 -18.81 8.99
CA SER B 118 24.18 -18.69 7.88
C SER B 118 23.45 -18.80 6.55
N GLY B 119 24.11 -18.35 5.48
CA GLY B 119 23.54 -18.43 4.15
C GLY B 119 23.31 -19.87 3.70
N LYS B 120 24.24 -20.75 4.05
CA LYS B 120 24.12 -22.15 3.68
C LYS B 120 22.98 -22.82 4.44
N GLU B 121 22.88 -22.53 5.73
CA GLU B 121 21.81 -23.10 6.53
C GLU B 121 20.44 -22.61 6.06
N ALA B 122 20.40 -21.35 5.62
CA ALA B 122 19.17 -20.78 5.08
C ALA B 122 18.77 -21.49 3.78
N GLU B 123 19.74 -21.75 2.93
CA GLU B 123 19.48 -22.44 1.67
C GLU B 123 18.96 -23.85 1.92
N LYS B 124 19.51 -24.50 2.95
CA LYS B 124 19.07 -25.84 3.33
C LYS B 124 17.61 -25.83 3.73
N LEU B 125 17.26 -24.95 4.67
CA LEU B 125 15.89 -24.85 5.18
C LEU B 125 14.91 -24.49 4.06
N LEU B 126 15.31 -23.57 3.19
CA LEU B 126 14.46 -23.17 2.07
C LEU B 126 14.31 -24.29 1.05
N THR B 127 15.28 -25.21 1.03
CA THR B 127 15.22 -26.35 0.12
C THR B 127 14.24 -27.41 0.60
N GLU B 128 14.27 -27.73 1.89
CA GLU B 128 13.49 -28.84 2.42
C GLU B 128 12.01 -28.51 2.61
N LYS B 129 11.68 -27.24 2.80
CA LYS B 129 10.30 -26.86 3.11
C LYS B 129 9.78 -25.71 2.27
N GLY B 130 10.68 -24.88 1.75
CA GLY B 130 10.28 -23.70 1.02
C GLY B 130 9.72 -23.98 -0.36
N LYS B 131 8.86 -23.08 -0.83
CA LYS B 131 8.34 -23.15 -2.19
C LYS B 131 8.61 -21.81 -2.88
N HIS B 132 8.02 -21.60 -4.05
CA HIS B 132 8.18 -20.32 -4.73
C HIS B 132 7.59 -19.19 -3.90
N GLY B 133 8.40 -18.18 -3.62
CA GLY B 133 7.94 -17.05 -2.84
C GLY B 133 8.23 -17.20 -1.36
N SER B 134 8.77 -18.35 -0.98
CA SER B 134 9.15 -18.57 0.42
C SER B 134 10.38 -17.72 0.74
N PHE B 135 10.37 -17.09 1.91
CA PHE B 135 11.48 -16.21 2.27
C PHE B 135 11.72 -16.14 3.77
N LEU B 136 12.87 -15.57 4.13
CA LEU B 136 13.21 -15.33 5.53
C LEU B 136 14.17 -14.16 5.61
N VAL B 137 14.30 -13.59 6.81
CA VAL B 137 15.27 -12.54 7.06
C VAL B 137 16.16 -12.97 8.21
N ARG B 138 17.45 -12.95 8.01
CA ARG B 138 18.39 -13.38 9.00
C ARG B 138 19.51 -12.38 9.27
N GLU B 139 20.31 -12.65 10.28
CA GLU B 139 21.41 -11.79 10.61
C GLU B 139 22.56 -11.95 9.67
N SER B 140 23.25 -10.85 9.46
CA SER B 140 24.37 -10.91 8.61
C SER B 140 25.37 -11.66 9.35
N GLN B 141 26.07 -12.33 8.49
CA GLN B 141 27.12 -13.25 8.57
C GLN B 141 28.36 -12.37 8.68
N SER B 142 28.63 -11.74 7.56
CA SER B 142 29.74 -10.84 7.38
C SER B 142 29.69 -9.58 8.22
N HIS B 143 28.66 -8.76 8.02
CA HIS B 143 28.59 -7.51 8.76
C HIS B 143 27.63 -7.40 9.89
N PRO B 144 28.15 -7.43 11.08
CA PRO B 144 27.24 -7.35 12.23
C PRO B 144 26.42 -6.11 12.13
N GLY B 145 25.17 -6.26 12.43
CA GLY B 145 24.18 -5.18 12.45
C GLY B 145 23.31 -5.22 11.20
N ASP B 146 23.90 -5.66 10.09
CA ASP B 146 23.16 -5.79 8.85
C ASP B 146 22.36 -7.09 8.83
N PHE B 147 21.52 -7.23 7.82
CA PHE B 147 20.68 -8.42 7.68
C PHE B 147 20.70 -8.94 6.26
N VAL B 148 20.13 -10.12 6.05
CA VAL B 148 20.06 -10.73 4.72
C VAL B 148 18.67 -11.27 4.45
N LEU B 149 18.10 -10.88 3.31
CA LEU B 149 16.84 -11.46 2.87
C LEU B 149 17.09 -12.67 1.97
N SER B 150 16.77 -13.85 2.47
CA SER B 150 16.92 -15.08 1.69
C SER B 150 15.56 -15.53 1.17
N VAL B 151 15.38 -15.49 -0.15
CA VAL B 151 14.10 -15.82 -0.76
C VAL B 151 14.27 -16.92 -1.81
N ARG B 152 13.31 -17.83 -1.86
CA ARG B 152 13.30 -18.89 -2.87
C ARG B 152 12.35 -18.55 -4.01
N THR B 153 12.84 -18.72 -5.24
CA THR B 153 12.01 -18.51 -6.42
C THR B 153 12.15 -19.69 -7.37
N GLY B 154 11.10 -19.94 -8.14
CA GLY B 154 11.12 -21.01 -9.13
C GLY B 154 9.72 -21.45 -9.51
N LYS B 164 14.09 -25.63 -12.04
CA LYS B 164 15.14 -25.71 -11.07
C LYS B 164 14.92 -25.05 -9.73
N SER B 165 14.49 -23.80 -9.72
CA SER B 165 14.38 -23.05 -8.49
C SER B 165 15.71 -22.73 -7.88
N LYS B 166 15.74 -21.65 -7.11
CA LYS B 166 16.91 -21.10 -6.54
C LYS B 166 16.63 -20.29 -5.31
N VAL B 167 17.69 -19.94 -4.63
CA VAL B 167 17.67 -19.08 -3.49
C VAL B 167 18.53 -17.84 -3.75
N THR B 168 17.96 -16.68 -3.51
CA THR B 168 18.66 -15.42 -3.63
C THR B 168 18.84 -14.73 -2.30
N HIS B 169 20.06 -14.29 -2.04
CA HIS B 169 20.36 -13.56 -0.81
C HIS B 169 20.49 -12.07 -1.09
N VAL B 170 19.61 -11.29 -0.47
CA VAL B 170 19.64 -9.83 -0.64
C VAL B 170 20.14 -9.18 0.64
N MET B 171 21.20 -8.40 0.52
CA MET B 171 21.81 -7.73 1.66
C MET B 171 20.95 -6.58 2.16
N ILE B 172 20.71 -6.56 3.47
CA ILE B 172 19.97 -5.47 4.09
C ILE B 172 20.88 -4.68 5.02
N ARG B 173 21.23 -3.47 4.61
CA ARG B 173 22.16 -2.65 5.39
C ARG B 173 21.48 -1.90 6.54
N CYS B 174 22.23 -1.74 7.63
CA CYS B 174 21.75 -0.95 8.76
C CYS B 174 22.56 0.33 8.88
N GLN B 175 21.98 1.43 8.44
CA GLN B 175 22.65 2.72 8.52
C GLN B 175 21.82 3.74 9.31
N GLU B 176 22.42 4.25 10.39
CA GLU B 176 21.78 5.25 11.25
C GLU B 176 20.35 4.85 11.64
N LEU B 177 20.23 3.65 12.20
CA LEU B 177 18.97 3.12 12.72
C LEU B 177 17.90 2.91 11.64
N LYS B 178 18.31 2.87 10.38
CA LYS B 178 17.38 2.59 9.29
C LYS B 178 17.92 1.48 8.38
N TYR B 179 17.01 0.81 7.67
CA TYR B 179 17.37 -0.35 6.86
C TYR B 179 17.15 -0.11 5.36
N ASP B 180 18.06 -0.63 4.54
CA ASP B 180 17.92 -0.51 3.09
C ASP B 180 18.56 -1.70 2.38
N VAL B 181 18.21 -1.89 1.11
CA VAL B 181 18.78 -2.98 0.32
C VAL B 181 19.84 -2.47 -0.66
N GLY B 182 20.51 -1.38 -0.31
CA GLY B 182 21.59 -0.85 -1.11
C GLY B 182 21.21 0.37 -1.92
N GLY B 183 19.92 0.66 -1.98
CA GLY B 183 19.42 1.79 -2.74
C GLY B 183 17.92 1.94 -2.54
N GLY B 184 17.38 3.08 -2.94
CA GLY B 184 15.95 3.32 -2.79
C GLY B 184 15.58 3.84 -1.42
N GLU B 185 14.45 3.38 -0.91
CA GLU B 185 13.92 3.84 0.38
C GLU B 185 14.69 3.31 1.58
N ARG B 186 14.69 4.09 2.66
CA ARG B 186 15.30 3.69 3.93
C ARG B 186 14.18 3.52 4.96
N PHE B 187 14.15 2.37 5.64
CA PHE B 187 12.99 2.00 6.44
C PHE B 187 13.19 2.07 7.95
N ASP B 188 12.09 2.32 8.67
CA ASP B 188 12.10 2.46 10.12
C ASP B 188 12.22 1.12 10.85
N SER B 189 11.79 0.04 10.19
CA SER B 189 11.88 -1.28 10.77
C SER B 189 12.11 -2.33 9.69
N LEU B 190 12.58 -3.50 10.07
CA LEU B 190 12.72 -4.61 9.12
C LEU B 190 11.33 -4.99 8.59
N THR B 191 10.34 -4.92 9.47
CA THR B 191 8.96 -5.21 9.06
C THR B 191 8.54 -4.28 7.94
N ASP B 192 8.81 -2.99 8.12
CA ASP B 192 8.46 -1.99 7.10
C ASP B 192 9.19 -2.27 5.79
N LEU B 193 10.46 -2.67 5.87
CA LEU B 193 11.23 -3.02 4.69
C LEU B 193 10.60 -4.22 4.02
N VAL B 194 10.28 -5.24 4.82
CA VAL B 194 9.68 -6.46 4.30
C VAL B 194 8.32 -6.16 3.65
N GLU B 195 7.46 -5.44 4.36
CA GLU B 195 6.13 -5.12 3.86
C GLU B 195 6.17 -4.36 2.53
N HIS B 196 7.15 -3.46 2.41
CA HIS B 196 7.31 -2.68 1.19
C HIS B 196 7.64 -3.57 -0.01
N TYR B 197 8.57 -4.50 0.17
CA TYR B 197 9.02 -5.34 -0.94
C TYR B 197 8.13 -6.55 -1.17
N LYS B 198 7.13 -6.76 -0.31
CA LYS B 198 6.07 -7.70 -0.64
C LYS B 198 5.17 -7.06 -1.69
N LYS B 199 4.82 -5.80 -1.45
CA LYS B 199 3.95 -5.05 -2.34
C LYS B 199 4.68 -4.60 -3.59
N ASN B 200 5.95 -4.22 -3.43
CA ASN B 200 6.77 -3.78 -4.55
C ASN B 200 7.99 -4.68 -4.74
N PRO B 201 7.78 -5.85 -5.38
CA PRO B 201 8.80 -6.89 -5.51
C PRO B 201 10.08 -6.42 -6.21
N MET B 202 11.22 -6.83 -5.68
CA MET B 202 12.50 -6.55 -6.31
C MET B 202 12.65 -7.37 -7.59
N VAL B 203 13.16 -6.73 -8.64
CA VAL B 203 13.41 -7.40 -9.89
C VAL B 203 14.91 -7.44 -10.18
N GLU B 204 15.42 -8.62 -10.50
CA GLU B 204 16.84 -8.77 -10.80
C GLU B 204 17.16 -8.21 -12.17
N THR B 205 18.45 -8.07 -12.47
CA THR B 205 18.89 -7.50 -13.74
C THR B 205 18.39 -8.32 -14.93
N LEU B 206 18.31 -9.64 -14.76
CA LEU B 206 17.88 -10.52 -15.84
C LEU B 206 16.39 -10.81 -15.83
N GLY B 207 15.65 -10.12 -14.95
CA GLY B 207 14.20 -10.15 -15.00
C GLY B 207 13.47 -10.95 -13.93
N THR B 208 14.20 -11.74 -13.14
CA THR B 208 13.56 -12.56 -12.11
C THR B 208 12.92 -11.68 -11.04
N VAL B 209 11.65 -11.96 -10.73
CA VAL B 209 10.92 -11.19 -9.74
C VAL B 209 11.03 -11.85 -8.36
N LEU B 210 11.62 -11.14 -7.41
CA LEU B 210 11.82 -11.67 -6.07
C LEU B 210 10.57 -11.50 -5.21
N GLN B 211 9.52 -12.24 -5.56
CA GLN B 211 8.26 -12.19 -4.83
C GLN B 211 8.40 -12.71 -3.41
N LEU B 212 7.87 -11.97 -2.45
CA LEU B 212 7.81 -12.44 -1.07
C LEU B 212 6.39 -12.92 -0.75
N LYS B 213 6.11 -14.17 -1.10
CA LYS B 213 4.76 -14.71 -0.99
C LYS B 213 4.42 -15.13 0.45
N GLN B 214 5.22 -16.02 1.01
CA GLN B 214 4.99 -16.48 2.37
C GLN B 214 6.30 -16.71 3.12
N PRO B 215 6.29 -16.48 4.45
CA PRO B 215 7.46 -16.79 5.27
C PRO B 215 7.74 -18.29 5.27
N LEU B 216 9.00 -18.67 5.47
CA LEU B 216 9.35 -20.09 5.52
C LEU B 216 8.76 -20.73 6.77
N ASN B 217 8.10 -21.88 6.58
CA ASN B 217 7.52 -22.61 7.71
C ASN B 217 8.62 -23.14 8.61
N THR B 218 8.47 -22.90 9.92
CA THR B 218 9.48 -23.32 10.88
C THR B 218 8.89 -24.18 11.99
N THR B 219 7.64 -24.61 11.81
CA THR B 219 6.95 -25.33 12.88
C THR B 219 6.45 -26.73 12.48
N ARG B 220 6.29 -26.97 11.18
CA ARG B 220 5.90 -28.32 10.74
C ARG B 220 7.07 -29.29 10.79
N ILE B 221 6.87 -30.41 11.48
CA ILE B 221 7.88 -31.47 11.56
C ILE B 221 7.23 -32.84 11.51
N ASN B 222 8.03 -33.87 11.24
CA ASN B 222 7.55 -35.25 11.32
C ASN B 222 7.33 -35.64 12.78
N ALA B 223 6.34 -36.49 13.03
CA ALA B 223 5.94 -36.87 14.37
C ALA B 223 7.09 -37.40 15.23
N ALA B 224 8.04 -38.07 14.59
CA ALA B 224 9.18 -38.65 15.31
C ALA B 224 10.13 -37.59 15.86
N GLU B 225 10.09 -36.37 15.29
CA GLU B 225 10.99 -35.33 15.76
C GLU B 225 10.33 -34.46 16.82
N ILE B 226 9.17 -34.90 17.31
CA ILE B 226 8.45 -34.13 18.32
C ILE B 226 9.22 -34.05 19.63
N GLU B 227 9.82 -35.15 20.05
CA GLU B 227 10.54 -35.19 21.31
C GLU B 227 11.74 -34.25 21.26
N SER B 228 12.44 -34.26 20.12
CA SER B 228 13.58 -33.36 19.91
C SER B 228 13.15 -31.90 19.89
N ARG B 229 12.03 -31.62 19.23
CA ARG B 229 11.53 -30.24 19.12
C ARG B 229 11.10 -29.73 20.48
N VAL B 230 10.48 -30.61 21.28
CA VAL B 230 10.06 -30.27 22.63
C VAL B 230 11.30 -29.94 23.48
N ARG B 231 12.36 -30.72 23.29
CA ARG B 231 13.62 -30.46 23.97
C ARG B 231 14.08 -29.02 23.68
N GLU B 232 14.04 -28.65 22.40
CA GLU B 232 14.42 -27.32 21.94
C GLU B 232 13.56 -26.21 22.53
N LEU B 233 12.24 -26.44 22.53
CA LEU B 233 11.29 -25.44 22.99
C LEU B 233 11.33 -25.30 24.50
N SER B 234 11.80 -26.35 25.18
CA SER B 234 11.93 -26.34 26.62
C SER B 234 13.19 -25.59 27.06
N LYS B 235 14.09 -25.38 26.10
CA LYS B 235 15.36 -24.70 26.35
C LYS B 235 16.17 -25.36 27.47
N GLY B 246 11.83 -21.02 22.05
CA GLY B 246 11.12 -21.78 23.05
C GLY B 246 9.62 -21.77 22.84
N PHE B 247 8.90 -22.41 23.76
CA PHE B 247 7.44 -22.47 23.69
C PHE B 247 6.82 -21.08 23.65
N TRP B 248 7.33 -20.19 24.49
CA TRP B 248 6.77 -18.85 24.61
C TRP B 248 6.92 -18.05 23.32
N GLU B 249 8.07 -18.16 22.67
CA GLU B 249 8.33 -17.39 21.46
C GLU B 249 7.53 -17.93 20.27
N GLU B 250 7.33 -19.24 20.22
CA GLU B 250 6.55 -19.84 19.15
C GLU B 250 5.07 -19.48 19.28
N PHE B 251 4.59 -19.47 20.52
CA PHE B 251 3.20 -19.15 20.80
C PHE B 251 2.86 -17.71 20.42
N GLU B 252 3.74 -16.78 20.79
CA GLU B 252 3.50 -15.37 20.49
C GLU B 252 3.58 -15.10 19.00
N THR B 253 4.37 -15.90 18.28
CA THR B 253 4.42 -15.81 16.83
C THR B 253 3.06 -16.23 16.26
N LEU B 254 2.43 -17.21 16.90
CA LEU B 254 1.08 -17.62 16.53
C LEU B 254 0.07 -16.54 16.87
N GLN B 255 0.20 -15.97 18.06
CA GLN B 255 -0.71 -14.92 18.54
C GLN B 255 -0.69 -13.70 17.63
N GLN B 256 0.47 -13.44 17.05
CA GLN B 256 0.66 -12.34 16.10
C GLN B 256 -0.22 -12.44 14.86
N GLN B 257 -0.68 -13.65 14.57
N GLN B 257 -0.68 -13.65 14.57
CA GLN B 257 -1.47 -13.91 13.36
CA GLN B 257 -1.48 -13.90 13.37
C GLN B 257 -2.97 -13.88 13.62
C GLN B 257 -2.98 -13.85 13.62
N GLU B 258 -3.37 -13.58 14.86
CA GLU B 258 -4.79 -13.66 15.23
C GLU B 258 -5.65 -12.62 14.50
N CYS B 259 -5.04 -11.51 14.10
CA CYS B 259 -5.74 -10.46 13.36
C CYS B 259 -5.87 -10.77 11.87
N LYS B 260 -5.15 -11.78 11.41
CA LYS B 260 -5.13 -12.13 9.99
C LYS B 260 -6.35 -12.94 9.57
N LEU B 261 -7.15 -13.34 10.55
CA LEU B 261 -8.32 -14.16 10.26
C LEU B 261 -9.53 -13.28 9.98
N LEU B 262 -10.24 -13.60 8.90
CA LEU B 262 -11.44 -12.87 8.52
C LEU B 262 -12.68 -13.51 9.13
N TYR B 263 -13.37 -12.75 9.97
CA TYR B 263 -14.58 -13.25 10.62
C TYR B 263 -15.42 -12.10 11.15
N SER B 264 -16.72 -12.32 11.25
CA SER B 264 -17.61 -11.35 11.87
C SER B 264 -18.38 -11.99 13.01
N ARG B 265 -18.88 -11.17 13.93
CA ARG B 265 -19.60 -11.67 15.08
C ARG B 265 -20.86 -10.86 15.32
N LYS B 266 -21.60 -10.61 14.24
CA LYS B 266 -22.77 -9.73 14.29
C LYS B 266 -23.99 -10.38 14.97
N GLU B 267 -24.23 -11.65 14.65
CA GLU B 267 -25.39 -12.36 15.20
C GLU B 267 -25.34 -12.41 16.72
N GLY B 268 -24.15 -12.64 17.26
CA GLY B 268 -23.96 -12.68 18.71
C GLY B 268 -24.15 -11.31 19.34
N GLN B 269 -24.11 -10.27 18.53
CA GLN B 269 -24.26 -8.88 18.97
C GLN B 269 -25.70 -8.40 18.89
N ARG B 270 -26.55 -9.20 18.26
CA ARG B 270 -27.97 -8.87 18.15
C ARG B 270 -28.58 -8.70 19.54
N GLN B 271 -29.50 -7.75 19.66
CA GLN B 271 -30.11 -7.43 20.95
C GLN B 271 -30.79 -8.64 21.58
N GLU B 272 -31.46 -9.44 20.75
CA GLU B 272 -32.20 -10.59 21.24
C GLU B 272 -31.28 -11.72 21.67
N ASN B 273 -30.01 -11.65 21.28
CA ASN B 273 -29.07 -12.73 21.56
C ASN B 273 -28.05 -12.41 22.65
N LYS B 274 -28.07 -11.18 23.15
CA LYS B 274 -27.07 -10.74 24.11
C LYS B 274 -27.06 -11.56 25.39
N ASN B 275 -28.24 -11.89 25.91
CA ASN B 275 -28.32 -12.62 27.17
C ASN B 275 -28.18 -14.13 26.98
N LYS B 276 -27.86 -14.54 25.76
CA LYS B 276 -27.57 -15.94 25.46
C LYS B 276 -26.07 -16.19 25.48
N ASN B 277 -25.31 -15.12 25.71
CA ASN B 277 -23.86 -15.20 25.82
C ASN B 277 -23.42 -15.17 27.29
N ARG B 278 -22.60 -16.14 27.69
CA ARG B 278 -22.11 -16.17 29.06
C ARG B 278 -21.23 -14.95 29.30
N TYR B 279 -20.40 -14.63 28.32
CA TYR B 279 -19.57 -13.44 28.34
C TYR B 279 -19.89 -12.55 27.15
N LYS B 280 -20.32 -11.33 27.43
CA LYS B 280 -20.92 -10.45 26.42
C LYS B 280 -20.02 -10.17 25.22
N ASN B 281 -18.71 -10.24 25.40
CA ASN B 281 -17.78 -9.95 24.31
C ASN B 281 -17.18 -11.20 23.66
N ILE B 282 -17.49 -12.38 24.20
CA ILE B 282 -16.96 -13.61 23.64
C ILE B 282 -18.03 -14.28 22.79
N LEU B 283 -17.90 -14.13 21.47
CA LEU B 283 -18.97 -14.45 20.55
C LEU B 283 -18.57 -15.49 19.51
N PRO B 284 -19.57 -16.21 18.96
CA PRO B 284 -19.30 -17.15 17.87
C PRO B 284 -19.08 -16.44 16.54
N SER B 285 -18.20 -16.97 15.71
CA SER B 285 -18.03 -16.43 14.37
C SER B 285 -19.25 -16.78 13.52
N ASP B 286 -19.74 -15.79 12.78
CA ASP B 286 -20.99 -15.95 12.03
C ASP B 286 -20.97 -17.09 11.01
N HIS B 287 -19.85 -17.24 10.29
CA HIS B 287 -19.81 -18.15 9.16
C HIS B 287 -19.83 -19.62 9.57
N THR B 288 -19.49 -19.92 10.82
CA THR B 288 -19.47 -21.30 11.29
C THR B 288 -20.39 -21.55 12.48
N ARG B 289 -21.22 -20.57 12.82
CA ARG B 289 -22.09 -20.70 13.97
C ARG B 289 -23.14 -21.79 13.73
N VAL B 290 -23.54 -22.44 14.80
CA VAL B 290 -24.64 -23.41 14.74
C VAL B 290 -25.96 -22.64 14.66
N VAL B 291 -26.70 -22.87 13.58
CA VAL B 291 -28.01 -22.24 13.40
C VAL B 291 -29.14 -23.20 13.75
N LEU B 292 -29.92 -22.81 14.76
CA LEU B 292 -31.02 -23.63 15.25
C LEU B 292 -32.30 -23.43 14.44
N HIS B 293 -32.90 -24.52 13.96
CA HIS B 293 -34.17 -24.42 13.23
C HIS B 293 -35.31 -24.89 14.10
N ASP B 294 -36.51 -24.85 13.53
CA ASP B 294 -37.71 -25.42 14.14
C ASP B 294 -37.98 -24.76 15.49
N GLY B 295 -37.63 -23.48 15.58
CA GLY B 295 -37.79 -22.73 16.80
C GLY B 295 -39.24 -22.30 16.95
N ASP B 296 -39.59 -21.76 18.09
CA ASP B 296 -40.96 -21.38 18.36
C ASP B 296 -41.18 -20.06 17.64
N PRO B 297 -42.27 -19.97 16.84
CA PRO B 297 -42.53 -18.77 16.06
C PRO B 297 -42.87 -17.56 16.92
N ASN B 298 -43.22 -17.81 18.19
CA ASN B 298 -43.48 -16.74 19.14
C ASN B 298 -42.17 -16.10 19.62
N GLU B 299 -41.06 -16.69 19.20
CA GLU B 299 -39.74 -16.19 19.56
C GLU B 299 -39.08 -15.53 18.34
N PRO B 300 -38.94 -14.20 18.39
CA PRO B 300 -38.41 -13.37 17.30
C PRO B 300 -37.08 -13.90 16.75
N VAL B 301 -36.18 -14.27 17.66
CA VAL B 301 -34.91 -14.86 17.26
C VAL B 301 -34.72 -16.19 17.98
N SER B 302 -34.82 -17.29 17.25
CA SER B 302 -34.77 -18.62 17.86
C SER B 302 -33.69 -19.47 17.25
N ASP B 303 -32.82 -18.86 16.44
CA ASP B 303 -31.83 -19.62 15.70
C ASP B 303 -30.43 -19.52 16.29
N TYR B 304 -30.30 -18.84 17.43
CA TYR B 304 -28.97 -18.53 17.96
C TYR B 304 -28.56 -19.36 19.17
N ILE B 305 -27.31 -19.83 19.12
CA ILE B 305 -26.64 -20.37 20.29
C ILE B 305 -25.16 -20.01 20.16
N ASN B 306 -24.51 -19.72 21.28
CA ASN B 306 -23.10 -19.39 21.26
C ASN B 306 -22.31 -20.68 21.04
N ALA B 307 -22.18 -21.07 19.78
CA ALA B 307 -21.51 -22.32 19.42
C ALA B 307 -21.05 -22.26 17.97
N ASN B 308 -19.92 -22.91 17.69
CA ASN B 308 -19.41 -23.02 16.33
C ASN B 308 -19.06 -24.45 15.95
N ILE B 309 -19.36 -24.80 14.71
CA ILE B 309 -18.87 -26.04 14.13
C ILE B 309 -17.37 -25.92 13.89
N ILE B 310 -16.60 -26.88 14.39
CA ILE B 310 -15.17 -26.93 14.14
C ILE B 310 -14.81 -28.11 13.26
N MET B 311 -14.31 -27.82 12.07
CA MET B 311 -13.95 -28.87 11.13
C MET B 311 -12.45 -28.91 10.89
N PRO B 312 -11.81 -30.06 11.12
CA PRO B 312 -10.39 -30.26 10.81
C PRO B 312 -10.13 -30.15 9.31
N GLU B 313 -8.88 -29.97 8.90
CA GLU B 313 -8.57 -29.88 7.49
C GLU B 313 -8.77 -31.21 6.78
N PRO B 323 -15.23 -40.37 7.39
CA PRO B 323 -14.48 -40.31 8.65
C PRO B 323 -14.13 -38.88 9.04
N LYS B 324 -13.09 -38.73 9.87
CA LYS B 324 -12.66 -37.43 10.39
C LYS B 324 -13.81 -36.74 11.12
N LYS B 325 -13.80 -36.84 12.43
CA LYS B 325 -14.84 -36.25 13.26
C LYS B 325 -14.77 -34.73 13.23
N SER B 326 -15.92 -34.08 13.33
CA SER B 326 -15.98 -32.65 13.48
C SER B 326 -16.48 -32.37 14.89
N TYR B 327 -16.41 -31.10 15.30
CA TYR B 327 -16.75 -30.73 16.67
C TYR B 327 -17.71 -29.56 16.73
N ILE B 328 -18.33 -29.40 17.88
CA ILE B 328 -18.99 -28.15 18.23
C ILE B 328 -18.33 -27.57 19.48
N ALA B 329 -17.76 -26.38 19.32
CA ALA B 329 -17.19 -25.65 20.45
C ALA B 329 -18.23 -24.69 20.99
N THR B 330 -18.65 -24.90 22.23
CA THR B 330 -19.68 -24.05 22.81
C THR B 330 -19.35 -23.69 24.26
N GLN B 331 -20.11 -22.76 24.81
CA GLN B 331 -19.95 -22.33 26.19
C GLN B 331 -20.72 -23.27 27.13
N GLY B 332 -20.45 -23.18 28.42
CA GLY B 332 -21.27 -23.87 29.41
C GLY B 332 -22.68 -23.29 29.41
N CYS B 333 -23.69 -24.14 29.52
CA CYS B 333 -25.08 -23.70 29.49
C CYS B 333 -25.41 -22.62 30.50
N LEU B 334 -26.26 -21.68 30.08
CA LEU B 334 -26.89 -20.73 30.99
C LEU B 334 -28.29 -21.25 31.30
N GLN B 335 -28.90 -20.71 32.35
CA GLN B 335 -30.26 -21.11 32.71
C GLN B 335 -31.21 -20.94 31.53
N ASN B 336 -31.04 -19.85 30.79
CA ASN B 336 -31.91 -19.55 29.65
C ASN B 336 -31.44 -20.12 28.32
N THR B 337 -30.38 -20.91 28.32
CA THR B 337 -29.89 -21.51 27.08
C THR B 337 -29.85 -23.04 27.13
N VAL B 338 -30.30 -23.62 28.25
CA VAL B 338 -30.36 -25.08 28.38
C VAL B 338 -31.21 -25.71 27.30
N ASN B 339 -32.41 -25.16 27.06
CA ASN B 339 -33.28 -25.69 26.03
C ASN B 339 -32.66 -25.56 24.63
N ASP B 340 -31.98 -24.44 24.39
CA ASP B 340 -31.28 -24.22 23.13
C ASP B 340 -30.17 -25.23 22.94
N PHE B 341 -29.46 -25.53 24.02
CA PHE B 341 -28.39 -26.53 23.99
C PHE B 341 -28.89 -27.88 23.48
N TRP B 342 -30.03 -28.33 24.00
CA TRP B 342 -30.53 -29.65 23.63
C TRP B 342 -31.11 -29.65 22.21
N ARG B 343 -31.67 -28.52 21.79
CA ARG B 343 -32.08 -28.36 20.40
C ARG B 343 -30.89 -28.57 19.47
N MET B 344 -29.76 -28.00 19.85
CA MET B 344 -28.53 -28.12 19.06
C MET B 344 -28.05 -29.56 18.98
N VAL B 345 -27.94 -30.22 20.14
CA VAL B 345 -27.48 -31.61 20.19
C VAL B 345 -28.37 -32.50 19.34
N PHE B 346 -29.68 -32.30 19.46
CA PHE B 346 -30.66 -33.05 18.69
C PHE B 346 -30.50 -32.81 17.18
N GLN B 347 -30.54 -31.54 16.81
CA GLN B 347 -30.48 -31.11 15.42
C GLN B 347 -29.23 -31.58 14.68
N GLU B 348 -28.08 -31.49 15.35
CA GLU B 348 -26.81 -31.84 14.73
C GLU B 348 -26.50 -33.32 14.84
N ASN B 349 -27.41 -34.07 15.46
CA ASN B 349 -27.28 -35.52 15.63
C ASN B 349 -26.02 -35.87 16.44
N SER B 350 -25.65 -34.98 17.34
CA SER B 350 -24.51 -35.22 18.22
C SER B 350 -24.79 -36.37 19.19
N ARG B 351 -23.81 -37.25 19.35
CA ARG B 351 -23.96 -38.44 20.19
C ARG B 351 -22.96 -38.47 21.33
N VAL B 352 -22.06 -37.51 21.35
CA VAL B 352 -21.05 -37.41 22.39
C VAL B 352 -20.90 -35.95 22.86
N ILE B 353 -20.92 -35.76 24.17
CA ILE B 353 -20.66 -34.46 24.76
C ILE B 353 -19.43 -34.51 25.65
N VAL B 354 -18.52 -33.57 25.44
CA VAL B 354 -17.34 -33.46 26.30
C VAL B 354 -17.44 -32.20 27.17
N MET B 355 -17.60 -32.41 28.46
CA MET B 355 -17.64 -31.31 29.42
C MET B 355 -16.31 -31.23 30.16
N THR B 356 -15.63 -30.08 30.06
CA THR B 356 -14.28 -29.97 30.59
C THR B 356 -14.22 -29.05 31.79
N THR B 357 -15.33 -28.94 32.50
CA THR B 357 -15.38 -28.11 33.70
C THR B 357 -16.32 -28.70 34.74
N LYS B 358 -16.16 -28.27 35.98
CA LYS B 358 -17.16 -28.53 37.00
C LYS B 358 -18.31 -27.54 36.82
N GLU B 359 -19.44 -27.82 37.47
CA GLU B 359 -20.56 -26.88 37.42
C GLU B 359 -20.16 -25.57 38.09
N VAL B 360 -19.41 -25.68 39.18
CA VAL B 360 -18.94 -24.51 39.91
C VAL B 360 -17.43 -24.62 40.15
N GLU B 361 -16.70 -23.58 39.78
CA GLU B 361 -15.27 -23.52 40.05
C GLU B 361 -14.91 -22.17 40.67
N ARG B 362 -14.18 -22.23 41.79
CA ARG B 362 -13.79 -21.04 42.54
C ARG B 362 -15.02 -20.20 42.94
N GLY B 363 -16.09 -20.89 43.31
CA GLY B 363 -17.31 -20.23 43.76
C GLY B 363 -18.13 -19.60 42.66
N LYS B 364 -17.71 -19.80 41.41
CA LYS B 364 -18.45 -19.24 40.28
C LYS B 364 -18.98 -20.35 39.38
N SER B 365 -20.25 -20.21 38.98
CA SER B 365 -20.88 -21.20 38.10
C SER B 365 -20.34 -21.10 36.68
N LYS B 366 -19.76 -22.19 36.20
CA LYS B 366 -19.17 -22.23 34.86
C LYS B 366 -20.12 -22.91 33.88
N CYS B 367 -21.10 -23.63 34.42
CA CYS B 367 -22.08 -24.33 33.61
C CYS B 367 -23.28 -24.72 34.44
N VAL B 368 -24.48 -24.44 33.91
CA VAL B 368 -25.71 -24.86 34.55
C VAL B 368 -25.89 -26.36 34.34
N LYS B 369 -26.43 -27.06 35.33
CA LYS B 369 -26.65 -28.50 35.20
C LYS B 369 -27.75 -28.73 34.17
N TYR B 370 -27.35 -29.16 32.97
CA TYR B 370 -28.30 -29.32 31.87
C TYR B 370 -28.75 -30.77 31.72
N TRP B 371 -28.33 -31.62 32.64
CA TRP B 371 -28.69 -33.04 32.60
C TRP B 371 -29.44 -33.44 33.87
N PRO B 372 -30.32 -34.45 33.75
CA PRO B 372 -31.05 -34.91 34.94
C PRO B 372 -30.20 -35.76 35.86
N ASP B 373 -30.64 -35.94 37.10
CA ASP B 373 -29.99 -36.87 38.03
C ASP B 373 -30.07 -38.28 37.48
N GLU B 374 -29.20 -39.16 37.96
CA GLU B 374 -29.19 -40.55 37.48
C GLU B 374 -30.56 -41.19 37.67
N TYR B 375 -31.01 -41.90 36.64
CA TYR B 375 -32.30 -42.61 36.60
C TYR B 375 -33.49 -41.66 36.41
N ALA B 376 -33.22 -40.36 36.43
CA ALA B 376 -34.29 -39.37 36.34
C ALA B 376 -34.59 -38.98 34.89
N LEU B 377 -35.77 -38.41 34.69
CA LEU B 377 -36.19 -37.94 33.37
C LEU B 377 -36.62 -36.48 33.45
N LYS B 378 -36.16 -35.66 32.51
CA LYS B 378 -36.54 -34.25 32.48
C LYS B 378 -36.87 -33.78 31.08
N GLU B 379 -37.76 -32.80 30.99
CA GLU B 379 -38.04 -32.16 29.71
C GLU B 379 -37.41 -30.78 29.70
N TYR B 380 -36.65 -30.52 28.65
CA TYR B 380 -36.04 -29.21 28.44
C TYR B 380 -36.66 -28.61 27.19
N GLY B 381 -37.75 -27.88 27.36
CA GLY B 381 -38.54 -27.43 26.22
C GLY B 381 -39.13 -28.63 25.51
N VAL B 382 -38.94 -28.68 24.19
CA VAL B 382 -39.49 -29.78 23.41
C VAL B 382 -38.60 -31.02 23.45
N MET B 383 -37.46 -30.91 24.12
CA MET B 383 -36.51 -32.03 24.19
C MET B 383 -36.63 -32.78 25.51
N ARG B 384 -36.65 -34.10 25.42
CA ARG B 384 -36.76 -34.96 26.58
C ARG B 384 -35.48 -35.76 26.79
N VAL B 385 -34.98 -35.76 28.02
CA VAL B 385 -33.71 -36.43 28.32
C VAL B 385 -33.83 -37.36 29.53
N ARG B 386 -33.44 -38.62 29.35
CA ARG B 386 -33.34 -39.55 30.46
C ARG B 386 -31.89 -39.85 30.79
N ASN B 387 -31.52 -39.75 32.06
CA ASN B 387 -30.22 -40.21 32.50
C ASN B 387 -30.29 -41.70 32.81
N VAL B 388 -29.86 -42.51 31.87
CA VAL B 388 -29.98 -43.96 32.00
C VAL B 388 -29.06 -44.53 33.07
N LYS B 389 -27.79 -44.14 33.03
CA LYS B 389 -26.80 -44.66 33.96
C LYS B 389 -25.58 -43.76 34.03
N GLU B 390 -25.00 -43.65 35.22
CA GLU B 390 -23.73 -42.97 35.38
C GLU B 390 -22.62 -43.94 35.73
N SER B 391 -21.43 -43.66 35.22
CA SER B 391 -20.26 -44.47 35.52
C SER B 391 -19.12 -43.55 35.90
N ALA B 392 -18.57 -43.74 37.10
CA ALA B 392 -17.53 -42.86 37.60
C ALA B 392 -16.14 -43.46 37.44
N ALA B 393 -15.27 -42.73 36.75
CA ALA B 393 -13.84 -43.05 36.76
C ALA B 393 -13.16 -41.94 37.56
N HIS B 394 -11.85 -42.05 37.74
CA HIS B 394 -11.14 -41.05 38.54
C HIS B 394 -11.13 -39.68 37.87
N ASP B 395 -10.85 -39.65 36.57
CA ASP B 395 -10.68 -38.37 35.89
C ASP B 395 -11.97 -37.85 35.29
N TYR B 396 -12.98 -38.72 35.18
CA TYR B 396 -14.22 -38.30 34.54
C TYR B 396 -15.44 -39.12 34.99
N THR B 397 -16.62 -38.54 34.76
CA THR B 397 -17.87 -39.25 34.96
C THR B 397 -18.54 -39.42 33.60
N LEU B 398 -18.97 -40.64 33.29
CA LEU B 398 -19.73 -40.90 32.08
C LEU B 398 -21.22 -40.98 32.40
N ARG B 399 -22.03 -40.22 31.67
CA ARG B 399 -23.47 -40.27 31.85
C ARG B 399 -24.12 -40.69 30.54
N GLU B 400 -24.79 -41.84 30.57
CA GLU B 400 -25.52 -42.34 29.41
C GLU B 400 -26.88 -41.68 29.38
N LEU B 401 -27.09 -40.81 28.40
CA LEU B 401 -28.34 -40.07 28.28
C LEU B 401 -29.13 -40.51 27.06
N LYS B 402 -30.46 -40.48 27.17
CA LYS B 402 -31.32 -40.75 26.04
C LYS B 402 -32.11 -39.51 25.67
N LEU B 403 -31.84 -38.98 24.48
CA LEU B 403 -32.45 -37.74 24.04
C LEU B 403 -33.52 -38.01 22.98
N SER B 404 -34.69 -37.38 23.16
CA SER B 404 -35.75 -37.50 22.19
C SER B 404 -36.61 -36.24 22.20
N LYS B 405 -37.38 -36.07 21.13
CA LYS B 405 -38.31 -34.96 21.06
C LYS B 405 -39.63 -35.39 21.66
N VAL B 406 -40.25 -34.50 22.43
CA VAL B 406 -41.53 -34.81 23.06
C VAL B 406 -42.60 -35.11 22.01
N GLY B 407 -43.45 -36.06 22.33
CA GLY B 407 -44.52 -36.47 21.45
C GLY B 407 -44.15 -37.28 20.23
N GLN B 408 -42.85 -37.53 20.00
CA GLN B 408 -42.47 -38.27 18.79
C GLN B 408 -41.60 -39.44 19.22
N GLY B 409 -42.16 -40.63 19.41
CA GLY B 409 -41.26 -41.76 19.57
C GLY B 409 -40.43 -41.92 18.28
N ASN B 410 -39.46 -42.84 18.32
CA ASN B 410 -38.54 -43.09 17.20
C ASN B 410 -37.54 -41.97 16.89
N THR B 411 -37.60 -40.91 17.68
CA THR B 411 -36.58 -39.87 17.61
C THR B 411 -35.45 -40.10 18.61
N GLU B 412 -35.63 -41.07 19.45
CA GLU B 412 -34.69 -41.36 20.50
C GLU B 412 -33.30 -41.71 20.02
N ARG B 413 -32.33 -41.16 20.70
CA ARG B 413 -30.97 -41.59 20.51
C ARG B 413 -30.15 -41.46 21.78
N THR B 414 -29.13 -42.25 21.92
CA THR B 414 -28.30 -42.19 23.10
C THR B 414 -27.24 -41.13 22.92
N VAL B 415 -27.09 -40.29 23.93
CA VAL B 415 -26.04 -39.29 23.96
C VAL B 415 -25.14 -39.57 25.16
N TRP B 416 -23.86 -39.76 24.87
CA TRP B 416 -22.87 -40.10 25.90
C TRP B 416 -22.17 -38.84 26.37
N GLN B 417 -22.40 -38.48 27.63
CA GLN B 417 -21.77 -37.30 28.20
C GLN B 417 -20.52 -37.65 28.99
N TYR B 418 -19.37 -37.23 28.47
CA TYR B 418 -18.10 -37.40 29.16
C TYR B 418 -17.73 -36.14 29.93
N HIS B 419 -17.77 -36.25 31.26
CA HIS B 419 -17.55 -35.08 32.11
C HIS B 419 -16.20 -35.16 32.83
N PHE B 420 -15.21 -34.50 32.26
CA PHE B 420 -13.85 -34.46 32.80
C PHE B 420 -13.80 -33.64 34.09
N ARG B 421 -13.26 -34.24 35.15
CA ARG B 421 -13.37 -33.65 36.49
C ARG B 421 -12.06 -33.17 37.11
N THR B 422 -10.92 -33.61 36.57
CA THR B 422 -9.63 -33.36 37.24
C THR B 422 -8.81 -32.23 36.63
N TRP B 423 -9.43 -31.40 35.79
CA TRP B 423 -8.73 -30.24 35.28
C TRP B 423 -8.56 -29.20 36.40
N PRO B 424 -7.33 -28.71 36.60
CA PRO B 424 -7.05 -27.73 37.67
C PRO B 424 -7.81 -26.42 37.46
N ASP B 425 -8.11 -25.72 38.55
CA ASP B 425 -8.89 -24.48 38.47
C ASP B 425 -8.19 -23.45 37.58
N HIS B 426 -6.88 -23.36 37.70
CA HIS B 426 -6.07 -22.47 36.88
C HIS B 426 -4.97 -23.29 36.19
N GLY B 427 -4.56 -22.89 34.99
CA GLY B 427 -3.48 -23.56 34.29
C GLY B 427 -3.86 -24.90 33.70
N VAL B 428 -2.88 -25.79 33.56
CA VAL B 428 -3.08 -27.07 32.89
C VAL B 428 -2.63 -28.24 33.74
N PRO B 429 -3.12 -29.46 33.45
CA PRO B 429 -2.66 -30.64 34.19
C PRO B 429 -1.14 -30.81 34.07
N SER B 430 -0.51 -31.30 35.12
CA SER B 430 0.94 -31.49 35.12
C SER B 430 1.33 -32.66 34.23
N ASP B 431 0.39 -33.58 34.04
CA ASP B 431 0.63 -34.75 33.20
C ASP B 431 -0.56 -34.97 32.27
N PRO B 432 -0.30 -35.14 30.97
CA PRO B 432 -1.36 -35.25 29.96
C PRO B 432 -2.03 -36.61 29.89
N GLY B 433 -1.51 -37.57 30.66
CA GLY B 433 -2.01 -38.94 30.64
C GLY B 433 -3.51 -39.06 30.82
N GLY B 434 -4.04 -38.36 31.83
CA GLY B 434 -5.48 -38.38 32.08
C GLY B 434 -6.29 -37.90 30.89
N VAL B 435 -5.90 -36.77 30.31
CA VAL B 435 -6.62 -36.20 29.17
C VAL B 435 -6.54 -37.11 27.95
N LEU B 436 -5.35 -37.66 27.68
CA LEU B 436 -5.17 -38.53 26.51
C LEU B 436 -6.03 -39.79 26.60
N ASP B 437 -6.02 -40.44 27.75
CA ASP B 437 -6.83 -41.63 27.98
C ASP B 437 -8.31 -41.30 27.85
N PHE B 438 -8.69 -40.14 28.39
CA PHE B 438 -10.04 -39.59 28.25
C PHE B 438 -10.44 -39.46 26.78
N LEU B 439 -9.65 -38.73 26.00
CA LEU B 439 -9.94 -38.51 24.59
C LEU B 439 -9.92 -39.82 23.79
N GLU B 440 -9.03 -40.74 24.15
CA GLU B 440 -8.97 -42.03 23.48
C GLU B 440 -10.28 -42.78 23.64
N GLU B 441 -10.86 -42.71 24.84
CA GLU B 441 -12.15 -43.33 25.11
C GLU B 441 -13.27 -42.63 24.33
N VAL B 442 -13.29 -41.31 24.39
CA VAL B 442 -14.26 -40.52 23.64
C VAL B 442 -14.23 -40.84 22.14
N HIS B 443 -13.03 -40.94 21.60
CA HIS B 443 -12.84 -41.22 20.18
C HIS B 443 -13.46 -42.54 19.75
N HIS B 444 -13.24 -43.58 20.56
CA HIS B 444 -13.75 -44.90 20.25
C HIS B 444 -15.27 -44.98 20.44
N LYS B 445 -15.81 -44.21 21.38
CA LYS B 445 -17.27 -44.14 21.54
C LYS B 445 -17.89 -43.53 20.29
N GLN B 446 -17.31 -42.42 19.83
CA GLN B 446 -17.77 -41.74 18.63
C GLN B 446 -17.65 -42.63 17.40
N GLU B 447 -16.52 -43.34 17.29
CA GLU B 447 -16.28 -44.20 16.15
C GLU B 447 -17.22 -45.40 16.11
N SER B 448 -17.73 -45.80 17.28
CA SER B 448 -18.58 -46.97 17.36
C SER B 448 -20.03 -46.67 16.97
N ILE B 449 -20.36 -45.40 16.83
CA ILE B 449 -21.73 -45.00 16.54
C ILE B 449 -21.92 -44.58 15.08
N MET B 450 -22.78 -45.31 14.37
CA MET B 450 -23.01 -45.07 12.96
C MET B 450 -23.62 -43.70 12.71
N ASP B 451 -22.99 -42.95 11.82
CA ASP B 451 -23.48 -41.64 11.38
C ASP B 451 -23.65 -40.64 12.53
N ALA B 452 -22.85 -40.78 13.58
CA ALA B 452 -22.86 -39.83 14.68
C ALA B 452 -22.45 -38.44 14.20
N GLY B 453 -23.08 -37.41 14.76
CA GLY B 453 -22.77 -36.04 14.41
C GLY B 453 -21.52 -35.51 15.12
N PRO B 454 -21.34 -34.19 15.11
CA PRO B 454 -20.17 -33.54 15.72
C PRO B 454 -20.12 -33.79 17.22
N VAL B 455 -18.92 -33.95 17.75
CA VAL B 455 -18.69 -34.08 19.18
C VAL B 455 -18.76 -32.71 19.84
N VAL B 456 -19.69 -32.56 20.78
CA VAL B 456 -19.87 -31.29 21.48
C VAL B 456 -18.84 -31.14 22.58
N VAL B 457 -18.09 -30.04 22.56
CA VAL B 457 -17.09 -29.77 23.60
C VAL B 457 -17.36 -28.41 24.23
N HIS B 458 -17.39 -28.34 25.56
CA HIS B 458 -17.61 -27.06 26.21
C HIS B 458 -16.87 -26.92 27.53
N CYS B 459 -16.59 -25.67 27.89
CA CYS B 459 -16.03 -25.31 29.18
C CYS B 459 -16.80 -24.13 29.75
N SER B 460 -16.11 -23.03 30.04
CA SER B 460 -16.78 -21.83 30.51
C SER B 460 -17.16 -20.92 29.34
N ALA B 461 -16.16 -20.35 28.68
CA ALA B 461 -16.40 -19.48 27.53
C ALA B 461 -16.37 -20.27 26.22
N GLY B 462 -15.88 -21.50 26.28
CA GLY B 462 -15.84 -22.37 25.12
C GLY B 462 -14.73 -22.08 24.13
N ILE B 463 -13.60 -21.55 24.62
CA ILE B 463 -12.47 -21.26 23.74
C ILE B 463 -11.13 -21.74 24.31
N GLY B 464 -10.98 -21.69 25.62
CA GLY B 464 -9.73 -22.05 26.27
C GLY B 464 -9.49 -23.54 26.41
N ARG B 465 -10.11 -24.14 27.42
CA ARG B 465 -9.99 -25.58 27.61
C ARG B 465 -10.60 -26.32 26.42
N THR B 466 -11.73 -25.81 25.94
CA THR B 466 -12.43 -26.37 24.80
C THR B 466 -11.51 -26.43 23.57
N GLY B 467 -10.86 -25.31 23.28
CA GLY B 467 -9.92 -25.25 22.17
C GLY B 467 -8.76 -26.20 22.36
N THR B 468 -8.27 -26.29 23.61
CA THR B 468 -7.14 -27.16 23.93
C THR B 468 -7.49 -28.63 23.72
N PHE B 469 -8.65 -29.05 24.21
CA PHE B 469 -9.09 -30.44 24.03
C PHE B 469 -9.29 -30.78 22.55
N ILE B 470 -9.88 -29.85 21.80
CA ILE B 470 -10.18 -30.09 20.40
C ILE B 470 -8.91 -30.19 19.55
N VAL B 471 -7.95 -29.30 19.80
CA VAL B 471 -6.70 -29.33 19.04
C VAL B 471 -5.91 -30.61 19.30
N ILE B 472 -5.86 -31.02 20.56
CA ILE B 472 -5.18 -32.26 20.92
C ILE B 472 -5.84 -33.44 20.21
N ASP B 473 -7.17 -33.46 20.22
CA ASP B 473 -7.92 -34.54 19.59
C ASP B 473 -7.67 -34.60 18.08
N ILE B 474 -7.64 -33.42 17.44
CA ILE B 474 -7.32 -33.32 16.02
C ILE B 474 -5.92 -33.86 15.72
N LEU B 475 -4.94 -33.43 16.51
CA LEU B 475 -3.55 -33.83 16.30
C LEU B 475 -3.34 -35.32 16.58
N ILE B 476 -3.92 -35.83 17.66
CA ILE B 476 -3.79 -37.23 18.01
C ILE B 476 -4.48 -38.08 16.93
N ASP B 477 -5.55 -37.59 16.36
CA ASP B 477 -6.24 -38.28 15.32
C ASP B 477 -5.36 -38.65 14.10
N ILE B 478 -4.51 -37.71 13.71
CA ILE B 478 -3.61 -37.88 12.60
C ILE B 478 -2.60 -39.00 12.96
N ILE B 479 -2.07 -38.93 14.15
CA ILE B 479 -1.09 -39.89 14.59
C ILE B 479 -1.72 -41.26 14.78
N ARG B 480 -2.93 -41.32 15.27
CA ARG B 480 -3.58 -42.62 15.44
C ARG B 480 -3.74 -43.32 14.09
N GLU B 481 -3.96 -42.54 13.03
CA GLU B 481 -4.20 -43.09 11.70
C GLU B 481 -2.93 -43.36 10.91
N LYS B 482 -1.92 -42.51 11.09
CA LYS B 482 -0.72 -42.59 10.26
C LYS B 482 0.50 -43.02 11.06
N GLY B 483 0.34 -43.17 12.36
CA GLY B 483 1.48 -43.53 13.19
C GLY B 483 2.48 -42.39 13.21
N VAL B 484 3.76 -42.75 13.25
CA VAL B 484 4.84 -41.77 13.33
C VAL B 484 5.21 -41.21 11.94
N ASP B 485 4.58 -41.75 10.90
CA ASP B 485 4.83 -41.31 9.53
C ASP B 485 3.82 -40.24 9.11
N CYS B 486 3.91 -39.08 9.75
CA CYS B 486 3.03 -37.97 9.42
C CYS B 486 3.62 -36.64 9.87
N ASP B 487 3.27 -35.57 9.15
CA ASP B 487 3.67 -34.22 9.55
C ASP B 487 2.61 -33.62 10.45
N ILE B 488 3.06 -32.96 11.51
CA ILE B 488 2.15 -32.18 12.32
C ILE B 488 2.70 -30.77 12.53
N ASP B 489 1.78 -29.82 12.58
CA ASP B 489 2.11 -28.41 12.71
C ASP B 489 1.15 -27.81 13.73
N VAL B 490 1.61 -27.72 14.98
CA VAL B 490 0.73 -27.32 16.07
C VAL B 490 0.13 -25.91 15.89
N PRO B 491 0.96 -24.88 15.62
CA PRO B 491 0.32 -23.56 15.49
C PRO B 491 -0.56 -23.44 14.25
N LYS B 492 -0.22 -24.14 13.18
CA LYS B 492 -1.04 -24.12 11.97
C LYS B 492 -2.41 -24.75 12.23
N THR B 493 -2.41 -25.85 12.98
CA THR B 493 -3.64 -26.53 13.34
C THR B 493 -4.50 -25.61 14.23
N ILE B 494 -3.86 -24.94 15.16
CA ILE B 494 -4.56 -23.98 16.02
C ILE B 494 -5.14 -22.82 15.21
N GLN B 495 -4.34 -22.29 14.28
CA GLN B 495 -4.80 -21.20 13.43
C GLN B 495 -6.02 -21.63 12.59
N MET B 496 -5.97 -22.87 12.09
CA MET B 496 -7.07 -23.41 11.30
C MET B 496 -8.37 -23.49 12.12
N VAL B 497 -8.23 -23.85 13.39
CA VAL B 497 -9.39 -23.94 14.28
C VAL B 497 -9.87 -22.55 14.66
N ARG B 498 -8.93 -21.63 14.89
CA ARG B 498 -9.27 -20.26 15.25
C ARG B 498 -10.02 -19.54 14.13
N SER B 499 -9.84 -19.98 12.89
CA SER B 499 -10.53 -19.38 11.76
C SER B 499 -12.03 -19.68 11.81
N GLN B 500 -12.41 -20.61 12.69
CA GLN B 500 -13.81 -21.04 12.81
C GLN B 500 -14.43 -20.58 14.13
N ARG B 501 -13.59 -20.20 15.08
CA ARG B 501 -14.03 -19.61 16.34
C ARG B 501 -12.85 -18.88 16.97
N SER B 502 -12.97 -17.57 17.14
CA SER B 502 -11.84 -16.78 17.64
C SER B 502 -11.52 -17.14 19.09
N GLY B 503 -10.23 -17.21 19.40
CA GLY B 503 -9.76 -17.45 20.74
C GLY B 503 -9.49 -18.89 21.13
N MET B 504 -9.69 -19.82 20.20
CA MET B 504 -9.42 -21.23 20.46
C MET B 504 -7.96 -21.43 20.88
N VAL B 505 -7.78 -22.05 22.04
CA VAL B 505 -6.51 -22.10 22.80
C VAL B 505 -6.12 -20.69 23.28
N GLN B 506 -6.12 -20.52 24.61
CA GLN B 506 -6.02 -19.20 25.22
C GLN B 506 -4.63 -18.82 25.70
N THR B 507 -3.90 -19.77 26.29
CA THR B 507 -2.66 -19.43 26.97
C THR B 507 -1.46 -20.24 26.50
N GLU B 508 -0.27 -19.75 26.82
CA GLU B 508 0.96 -20.45 26.48
C GLU B 508 1.06 -21.76 27.26
N ALA B 509 0.46 -21.78 28.45
CA ALA B 509 0.44 -22.99 29.27
C ALA B 509 -0.35 -24.09 28.57
N GLN B 510 -1.47 -23.71 27.95
CA GLN B 510 -2.26 -24.65 27.17
C GLN B 510 -1.53 -25.06 25.90
N TYR B 511 -0.86 -24.08 25.27
CA TYR B 511 -0.08 -24.33 24.07
C TYR B 511 1.00 -25.36 24.35
N ARG B 512 1.73 -25.15 25.45
CA ARG B 512 2.77 -26.07 25.89
C ARG B 512 2.17 -27.44 26.23
N PHE B 513 1.00 -27.43 26.84
CA PHE B 513 0.31 -28.66 27.22
C PHE B 513 -0.05 -29.52 25.99
N ILE B 514 -0.44 -28.85 24.91
CA ILE B 514 -0.76 -29.53 23.66
C ILE B 514 0.45 -30.30 23.13
N TYR B 515 1.60 -29.65 23.11
CA TYR B 515 2.85 -30.28 22.72
C TYR B 515 3.17 -31.48 23.61
N MET B 516 3.00 -31.32 24.92
CA MET B 516 3.29 -32.39 25.86
C MET B 516 2.34 -33.58 25.66
N ALA B 517 1.08 -33.28 25.34
CA ALA B 517 0.09 -34.31 25.09
C ALA B 517 0.42 -35.10 23.83
N VAL B 518 0.78 -34.38 22.77
CA VAL B 518 1.19 -35.01 21.52
C VAL B 518 2.42 -35.89 21.72
N GLN B 519 3.42 -35.35 22.42
CA GLN B 519 4.64 -36.08 22.71
C GLN B 519 4.37 -37.35 23.53
N HIS B 520 3.52 -37.22 24.53
CA HIS B 520 3.16 -38.33 25.39
C HIS B 520 2.47 -39.43 24.59
N TYR B 521 1.55 -39.04 23.72
CA TYR B 521 0.80 -39.99 22.91
C TYR B 521 1.74 -40.74 21.97
N ILE B 522 2.65 -40.01 21.32
CA ILE B 522 3.62 -40.60 20.41
C ILE B 522 4.54 -41.58 21.14
N GLU B 523 4.97 -41.19 22.34
CA GLU B 523 5.88 -42.02 23.13
C GLU B 523 5.24 -43.33 23.58
N THR B 524 3.92 -43.32 23.77
CA THR B 524 3.22 -44.51 24.24
C THR B 524 2.68 -45.34 23.07
N LEU B 525 3.10 -45.00 21.86
CA LEU B 525 2.74 -45.79 20.69
C LEU B 525 3.46 -47.14 20.71
C1 GOL C . -16.88 -7.11 21.65
O1 GOL C . -16.03 -8.13 21.19
C2 GOL C . -18.25 -7.24 20.98
O2 GOL C . -18.32 -6.31 19.92
C3 GOL C . -19.34 -6.92 22.00
O3 GOL C . -20.45 -7.76 21.78
C1 GOL D . -15.70 -44.90 33.02
O1 GOL D . -14.84 -45.97 33.34
C2 GOL D . -16.59 -45.30 31.85
O2 GOL D . -15.99 -44.91 30.63
C3 GOL D . -16.79 -46.81 31.86
O3 GOL D . -17.58 -47.19 32.96
#